data_6KBZ
#
_entry.id   6KBZ
#
_cell.length_a   40.530
_cell.length_b   111.391
_cell.length_c   104.102
_cell.angle_alpha   90.000
_cell.angle_beta   96.140
_cell.angle_gamma   90.000
#
_symmetry.space_group_name_H-M   'P 1 21 1'
#
loop_
_entity.id
_entity.type
_entity.pdbx_description
1 polymer 'SOS response-associated protein'
2 polymer "5'-D (*CP*GP*GP*TP* (3DR) P*GP*AP*TP*TP*C)-3'"
3 non-polymer 'MAGNESIUM ION'
4 water water
#
loop_
_entity_poly.entity_id
_entity_poly.type
_entity_poly.pdbx_seq_one_letter_code
_entity_poly.pdbx_strand_id
1 'polypeptide(L)'
;CGRFAQSQTREDYLALLAEDIERDIPYDPEPIGRYNVAPGTKVLLLSERDEHLHLDPVFWGYAPGWWDKPPLINARVETA
ATSRMFKPLWQHGRAICFADGWFEWKKEGDKKQPFFIYRADGQPIFMAAIGSTPFERGDEAEGFLIVTAAADQGLVDIHD
RRPLVLSPEAAREWMRQEISGKEASEIAASGCVPANQFSWHPVSRAVGNVKNQGAELIQPVLEVLFQ
;
B,D,F,H
2 'polydeoxyribonucleotide' (DC)(DG)(DG)(DT)(3DR)(DG)(DA)(DT)(DT)(DC) A,C,E,G
#
# COMPACT_ATOMS: atom_id res chain seq x y z
N CYS A 1 11.46 33.28 16.36
CA CYS A 1 11.54 33.78 14.99
C CYS A 1 10.45 33.12 14.16
N GLY A 2 9.35 32.74 14.82
CA GLY A 2 8.30 31.99 14.18
C GLY A 2 6.95 32.69 14.18
N ARG A 3 6.95 34.02 14.34
CA ARG A 3 5.71 34.81 14.31
C ARG A 3 6.10 36.28 14.28
N PHE A 4 5.36 37.08 13.51
CA PHE A 4 5.65 38.51 13.52
C PHE A 4 4.39 39.26 13.13
N ALA A 5 4.52 40.59 13.06
CA ALA A 5 3.43 41.48 12.68
C ALA A 5 3.83 42.27 11.44
N GLN A 6 2.88 42.44 10.53
CA GLN A 6 3.09 43.17 9.28
C GLN A 6 1.79 43.92 9.01
N SER A 7 1.56 44.99 9.79
CA SER A 7 0.25 45.64 9.85
C SER A 7 0.14 46.97 9.10
N GLN A 8 1.26 47.59 8.72
CA GLN A 8 1.22 48.93 8.16
C GLN A 8 1.04 48.90 6.64
N THR A 9 1.05 50.08 6.01
CA THR A 9 0.91 50.11 4.57
C THR A 9 2.25 49.82 3.89
N ARG A 10 2.17 49.43 2.62
CA ARG A 10 3.38 49.18 1.84
C ARG A 10 4.31 50.38 1.87
N GLU A 11 3.75 51.59 1.75
CA GLU A 11 4.59 52.78 1.76
C GLU A 11 5.31 52.95 3.09
N ASP A 12 4.66 52.59 4.20
CA ASP A 12 5.31 52.72 5.51
C ASP A 12 6.60 51.90 5.57
N TYR A 13 6.63 50.74 4.90
CA TYR A 13 7.82 49.89 4.90
C TYR A 13 8.80 50.28 3.80
N LEU A 14 8.32 50.62 2.60
CA LEU A 14 9.20 50.90 1.47
C LEU A 14 9.89 52.25 1.57
N ALA A 15 9.33 53.21 2.32
CA ALA A 15 9.85 54.57 2.29
C ALA A 15 11.32 54.63 2.73
N LEU A 16 11.75 53.73 3.60
CA LEU A 16 13.12 53.78 4.09
C LEU A 16 14.11 53.07 3.18
N LEU A 17 13.66 52.38 2.13
CA LEU A 17 14.53 51.51 1.37
C LEU A 17 14.88 52.01 -0.02
N ALA A 18 13.98 52.72 -0.71
CA ALA A 18 14.29 53.16 -2.07
C ALA A 18 13.37 54.29 -2.48
N GLU A 19 13.85 55.08 -3.44
CA GLU A 19 13.01 56.05 -4.12
C GLU A 19 11.97 55.31 -4.96
N ASP A 20 10.86 56.00 -5.25
CA ASP A 20 9.75 55.36 -5.95
C ASP A 20 10.17 54.78 -7.29
N ILE A 21 11.08 55.46 -8.00
CA ILE A 21 11.51 55.02 -9.32
C ILE A 21 12.17 53.64 -9.28
N GLU A 22 12.69 53.24 -8.12
CA GLU A 22 13.37 51.96 -8.00
C GLU A 22 12.42 50.80 -7.77
N ARG A 23 11.11 51.06 -7.66
CA ARG A 23 10.11 50.04 -7.37
C ARG A 23 9.30 49.72 -8.62
N ASP A 24 8.90 48.45 -8.71
CA ASP A 24 7.84 48.02 -9.62
C ASP A 24 6.73 47.44 -8.76
N ILE A 25 6.08 48.32 -8.00
CA ILE A 25 5.14 47.95 -6.96
C ILE A 25 3.96 48.91 -7.00
N PRO A 26 2.77 48.45 -7.40
CA PRO A 26 1.62 49.36 -7.53
C PRO A 26 1.25 50.02 -6.21
N TYR A 27 0.95 51.31 -6.29
CA TYR A 27 0.47 52.07 -5.13
C TYR A 27 -0.76 51.41 -4.54
N ASP A 28 -0.80 51.31 -3.21
CA ASP A 28 -1.90 50.70 -2.47
C ASP A 28 -1.90 51.30 -1.08
N PRO A 29 -2.95 52.03 -0.70
CA PRO A 29 -2.97 52.72 0.60
C PRO A 29 -3.45 51.86 1.75
N GLU A 30 -3.94 50.67 1.47
CA GLU A 30 -4.57 49.82 2.48
C GLU A 30 -3.52 49.20 3.39
N PRO A 31 -3.61 49.38 4.71
CA PRO A 31 -2.68 48.70 5.60
C PRO A 31 -2.74 47.20 5.39
N ILE A 32 -1.58 46.55 5.42
CA ILE A 32 -1.54 45.10 5.27
C ILE A 32 -2.33 44.44 6.38
N GLY A 33 -2.32 45.02 7.58
CA GLY A 33 -3.26 44.68 8.61
C GLY A 33 -3.07 43.33 9.26
N ARG A 34 -1.91 42.73 9.13
CA ARG A 34 -1.64 41.41 9.71
C ARG A 34 -0.92 41.59 11.04
N TYR A 35 -1.56 41.15 12.12
CA TYR A 35 -0.96 41.28 13.45
C TYR A 35 -0.39 39.98 13.99
N ASN A 36 -0.57 38.87 13.28
CA ASN A 36 -0.18 37.55 13.78
C ASN A 36 0.16 36.72 12.53
N VAL A 37 1.29 37.06 11.91
CA VAL A 37 1.73 36.41 10.68
C VAL A 37 2.33 35.05 11.02
N ALA A 38 1.75 33.99 10.44
CA ALA A 38 2.13 32.64 10.85
C ALA A 38 2.89 31.89 9.76
N PRO A 39 3.80 31.00 10.17
CA PRO A 39 4.42 30.08 9.21
C PRO A 39 3.38 29.35 8.37
N GLY A 40 3.76 29.01 7.13
CA GLY A 40 2.86 28.27 6.26
C GLY A 40 1.77 29.08 5.61
N THR A 41 1.79 30.40 5.75
CA THR A 41 0.92 31.29 5.01
C THR A 41 1.74 31.99 3.95
N LYS A 42 1.03 32.60 3.00
CA LYS A 42 1.69 33.49 2.05
C LYS A 42 1.94 34.85 2.70
N VAL A 43 3.15 35.36 2.54
CA VAL A 43 3.53 36.64 3.13
C VAL A 43 4.11 37.50 2.03
N LEU A 44 3.76 38.78 2.03
CA LEU A 44 4.36 39.72 1.08
C LEU A 44 5.85 39.80 1.34
N LEU A 45 6.63 39.54 0.29
CA LEU A 45 8.09 39.41 0.40
C LEU A 45 8.74 40.34 -0.61
N LEU A 46 9.73 41.11 -0.16
CA LEU A 46 10.38 42.12 -0.99
C LEU A 46 11.65 41.54 -1.61
N SER A 47 11.83 41.75 -2.92
CA SER A 47 13.06 41.30 -3.55
C SER A 47 13.37 42.17 -4.75
N GLU A 48 14.55 41.94 -5.34
CA GLU A 48 14.99 42.69 -6.52
C GLU A 48 15.12 41.76 -7.71
N ARG A 49 14.50 42.13 -8.82
CA ARG A 49 14.70 41.46 -10.09
C ARG A 49 14.45 42.48 -11.19
N ASP A 50 15.10 42.29 -12.32
CA ASP A 50 14.93 43.21 -13.45
C ASP A 50 15.23 44.65 -13.00
N GLU A 51 16.21 44.79 -12.12
CA GLU A 51 16.73 46.06 -11.60
C GLU A 51 15.70 46.87 -10.80
N HIS A 52 14.61 46.26 -10.37
CA HIS A 52 13.59 46.96 -9.59
C HIS A 52 13.20 46.12 -8.38
N LEU A 53 12.69 46.80 -7.36
CA LEU A 53 12.12 46.12 -6.20
C LEU A 53 10.73 45.60 -6.54
N HIS A 54 10.46 44.36 -6.16
CA HIS A 54 9.19 43.69 -6.36
C HIS A 54 8.68 43.17 -5.02
N LEU A 55 7.36 43.13 -4.89
CA LEU A 55 6.68 42.60 -3.72
C LEU A 55 5.81 41.45 -4.19
N ASP A 56 6.04 40.25 -3.65
CA ASP A 56 5.31 39.06 -4.09
C ASP A 56 4.80 38.32 -2.87
N PRO A 57 3.59 37.76 -2.95
CA PRO A 57 3.10 36.88 -1.88
C PRO A 57 3.80 35.53 -1.97
N VAL A 58 4.58 35.20 -0.94
CA VAL A 58 5.43 34.02 -0.96
C VAL A 58 5.15 33.18 0.29
N PHE A 59 4.99 31.87 0.07
CA PHE A 59 4.84 30.88 1.14
C PHE A 59 5.99 31.01 2.13
N TRP A 60 5.65 31.13 3.42
CA TRP A 60 6.65 31.10 4.47
C TRP A 60 6.88 29.64 4.82
N GLY A 61 7.94 29.09 4.29
CA GLY A 61 8.32 27.69 4.44
C GLY A 61 9.09 27.24 3.22
N TYR A 62 9.91 26.22 3.40
CA TYR A 62 10.74 25.71 2.32
C TYR A 62 10.77 24.20 2.43
N ALA A 63 10.22 23.51 1.43
CA ALA A 63 10.18 22.05 1.38
C ALA A 63 10.37 21.59 -0.06
N PRO A 64 11.62 21.41 -0.50
CA PRO A 64 11.86 20.89 -1.86
C PRO A 64 11.37 19.45 -1.97
N GLY A 65 11.28 18.99 -3.22
CA GLY A 65 10.68 17.69 -3.48
C GLY A 65 11.36 16.55 -2.74
N TRP A 66 12.68 16.63 -2.58
CA TRP A 66 13.42 15.59 -1.88
C TRP A 66 13.31 15.70 -0.36
N TRP A 67 12.71 16.79 0.16
CA TRP A 67 12.58 17.01 1.60
C TRP A 67 11.25 16.46 2.06
N ASP A 68 11.29 15.39 2.84
CA ASP A 68 10.09 14.70 3.29
C ASP A 68 9.78 14.98 4.75
N LYS A 69 10.21 16.12 5.24
CA LYS A 69 9.93 16.61 6.57
C LYS A 69 9.06 17.86 6.48
N PRO A 70 8.57 18.37 7.61
CA PRO A 70 7.82 19.62 7.55
C PRO A 70 8.67 20.73 7.00
N PRO A 71 8.08 21.66 6.26
CA PRO A 71 8.86 22.74 5.65
C PRO A 71 9.66 23.49 6.71
N LEU A 72 10.89 23.88 6.34
CA LEU A 72 11.68 24.72 7.21
C LEU A 72 11.24 26.17 7.04
N ILE A 73 11.23 26.91 8.15
CA ILE A 73 10.85 28.32 8.15
C ILE A 73 11.99 29.26 8.51
N ASN A 74 13.10 28.75 9.05
CA ASN A 74 14.27 29.56 9.36
C ASN A 74 15.53 28.90 8.80
N ALA A 75 16.54 29.71 8.57
CA ALA A 75 17.88 29.25 8.20
C ALA A 75 18.90 29.96 9.07
N ARG A 76 19.77 29.19 9.72
CA ARG A 76 20.75 29.77 10.64
C ARG A 76 21.87 30.46 9.87
N VAL A 77 22.14 31.73 10.24
CA VAL A 77 23.18 32.48 9.55
C VAL A 77 24.55 31.82 9.74
N GLU A 78 24.73 31.07 10.84
CA GLU A 78 26.02 30.44 11.12
C GLU A 78 26.44 29.49 10.02
N THR A 79 25.48 28.88 9.33
CA THR A 79 25.77 27.80 8.39
C THR A 79 25.04 27.90 7.05
N ALA A 80 24.11 28.83 6.88
CA ALA A 80 23.24 28.76 5.70
C ALA A 80 24.01 28.94 4.39
N ALA A 81 25.04 29.79 4.39
CA ALA A 81 25.73 30.08 3.12
C ALA A 81 26.47 28.89 2.56
N THR A 82 26.83 27.92 3.41
CA THR A 82 27.57 26.74 2.98
C THR A 82 26.74 25.46 3.07
N SER A 83 25.49 25.57 3.48
CA SER A 83 24.60 24.41 3.59
C SER A 83 24.26 23.85 2.21
N ARG A 84 24.32 22.52 2.09
CA ARG A 84 23.88 21.87 0.85
C ARG A 84 22.45 22.25 0.52
N MET A 85 21.62 22.51 1.52
CA MET A 85 20.23 22.84 1.31
C MET A 85 20.07 24.32 0.95
N PHE A 86 20.73 25.20 1.70
CA PHE A 86 20.46 26.64 1.60
C PHE A 86 21.43 27.40 0.70
N LYS A 87 22.60 26.85 0.36
CA LYS A 87 23.58 27.60 -0.42
C LYS A 87 23.02 28.23 -1.70
N PRO A 88 22.25 27.52 -2.54
CA PRO A 88 21.71 28.21 -3.72
C PRO A 88 20.73 29.32 -3.38
N LEU A 89 19.98 29.20 -2.28
CA LEU A 89 19.10 30.29 -1.88
C LEU A 89 19.89 31.48 -1.36
N TRP A 90 20.99 31.21 -0.63
CA TRP A 90 21.87 32.29 -0.20
C TRP A 90 22.45 33.07 -1.37
N GLN A 91 22.73 32.38 -2.49
CA GLN A 91 23.39 33.01 -3.61
C GLN A 91 22.43 33.81 -4.47
N HIS A 92 21.27 33.24 -4.78
CA HIS A 92 20.37 33.80 -5.78
C HIS A 92 18.97 34.10 -5.26
N GLY A 93 18.63 33.69 -4.03
CA GLY A 93 17.28 33.86 -3.52
C GLY A 93 17.16 34.81 -2.36
N ARG A 94 18.06 35.79 -2.24
CA ARG A 94 17.96 36.67 -1.09
C ARG A 94 16.80 37.65 -1.26
N ALA A 95 16.19 37.99 -0.13
CA ALA A 95 15.01 38.82 -0.12
C ALA A 95 14.91 39.45 1.26
N ILE A 96 13.92 40.34 1.42
CA ILE A 96 13.65 40.99 2.70
C ILE A 96 12.19 40.78 3.05
N CYS A 97 11.94 40.46 4.32
CA CYS A 97 10.59 40.40 4.86
C CYS A 97 10.47 41.54 5.87
N PHE A 98 9.67 42.55 5.54
CA PHE A 98 9.55 43.66 6.49
C PHE A 98 8.40 43.39 7.46
N ALA A 99 8.50 44.03 8.63
CA ALA A 99 7.61 43.77 9.74
C ALA A 99 7.61 44.98 10.67
N ASP A 100 6.59 45.05 11.53
CA ASP A 100 6.57 46.00 12.63
C ASP A 100 7.42 45.54 13.80
N GLY A 101 7.66 44.25 13.90
CA GLY A 101 8.29 43.65 15.04
C GLY A 101 7.91 42.19 15.02
N TRP A 102 8.45 41.44 15.98
CA TRP A 102 8.22 40.00 15.98
C TRP A 102 7.92 39.54 17.40
N PHE A 103 7.40 38.32 17.51
CA PHE A 103 7.02 37.73 18.77
C PHE A 103 8.01 36.64 19.17
N GLU A 104 8.32 36.58 20.46
CA GLU A 104 9.04 35.45 21.01
C GLU A 104 8.36 35.04 22.30
N TRP A 105 8.41 33.76 22.63
CA TRP A 105 7.78 33.24 23.84
C TRP A 105 8.87 32.90 24.83
N LYS A 106 8.90 33.59 25.97
CA LYS A 106 9.89 33.32 27.01
C LYS A 106 9.39 32.18 27.90
N LYS A 107 10.18 31.11 27.99
CA LYS A 107 9.80 29.97 28.80
C LYS A 107 10.12 30.23 30.26
N GLU A 108 9.17 29.96 31.13
CA GLU A 108 9.35 30.15 32.57
C GLU A 108 8.73 28.94 33.26
N GLY A 109 9.56 28.13 33.90
CA GLY A 109 9.10 26.85 34.37
C GLY A 109 8.64 26.03 33.18
N ASP A 110 7.35 25.68 33.18
CA ASP A 110 6.76 24.92 32.08
C ASP A 110 5.87 25.76 31.18
N LYS A 111 5.70 27.05 31.47
CA LYS A 111 4.81 27.89 30.68
C LYS A 111 5.60 29.01 29.98
N LYS A 112 4.92 29.72 29.09
CA LYS A 112 5.52 30.76 28.27
C LYS A 112 4.89 32.11 28.56
N GLN A 113 5.60 33.17 28.22
CA GLN A 113 5.02 34.51 28.13
C GLN A 113 5.41 35.06 26.77
N PRO A 114 4.46 35.37 25.89
CA PRO A 114 4.83 36.02 24.63
C PRO A 114 5.20 37.47 24.83
N PHE A 115 6.21 37.90 24.07
CA PHE A 115 6.67 39.28 24.01
C PHE A 115 6.60 39.76 22.56
N PHE A 116 6.27 41.04 22.39
CA PHE A 116 6.38 41.72 21.11
C PHE A 116 7.63 42.59 21.14
N ILE A 117 8.51 42.39 20.16
CA ILE A 117 9.83 43.03 20.10
C ILE A 117 9.86 43.95 18.90
N TYR A 118 10.35 45.17 19.09
CA TYR A 118 10.24 46.21 18.06
C TYR A 118 11.37 47.20 18.26
N ARG A 119 11.62 48.01 17.22
CA ARG A 119 12.67 49.03 17.31
C ARG A 119 12.22 50.20 18.17
N ALA A 120 13.05 50.56 19.15
CA ALA A 120 12.72 51.68 20.02
C ALA A 120 12.55 52.97 19.25
N ASP A 121 13.26 53.12 18.12
CA ASP A 121 13.18 54.36 17.36
C ASP A 121 11.96 54.43 16.45
N GLY A 122 11.10 53.42 16.48
CA GLY A 122 9.85 53.46 15.75
C GLY A 122 9.89 52.93 14.34
N GLN A 123 11.08 52.68 13.79
CA GLN A 123 11.18 52.21 12.42
C GLN A 123 10.66 50.78 12.31
N PRO A 124 10.13 50.39 11.15
CA PRO A 124 9.88 48.96 10.89
C PRO A 124 11.19 48.20 10.82
N ILE A 125 11.09 46.89 10.92
CA ILE A 125 12.27 46.05 10.85
C ILE A 125 12.33 45.41 9.47
N PHE A 126 13.56 45.19 8.99
CA PHE A 126 13.80 44.53 7.72
C PHE A 126 14.53 43.23 8.04
N MET A 127 13.81 42.11 7.94
CA MET A 127 14.38 40.82 8.27
C MET A 127 15.00 40.19 7.02
N ALA A 128 16.23 39.71 7.16
CA ALA A 128 16.89 38.99 6.07
C ALA A 128 16.17 37.68 5.79
N ALA A 129 15.92 37.41 4.52
CA ALA A 129 15.26 36.18 4.10
C ALA A 129 16.02 35.57 2.94
N ILE A 130 15.89 34.25 2.78
CA ILE A 130 16.34 33.55 1.57
C ILE A 130 15.20 32.64 1.10
N GLY A 131 15.14 32.41 -0.20
CA GLY A 131 14.00 31.66 -0.70
C GLY A 131 14.19 31.17 -2.11
N SER A 132 13.15 30.50 -2.63
CA SER A 132 13.21 29.84 -3.93
C SER A 132 12.74 30.78 -5.03
N THR A 133 13.67 31.28 -5.82
CA THR A 133 13.28 32.08 -6.98
C THR A 133 12.92 31.16 -8.14
N PRO A 134 12.03 31.61 -9.05
CA PRO A 134 11.35 32.91 -9.07
C PRO A 134 10.18 33.00 -8.10
N PHE A 135 10.16 34.09 -7.30
CA PHE A 135 9.16 34.25 -6.25
C PHE A 135 7.76 34.41 -6.81
N GLU A 136 7.62 35.03 -7.97
CA GLU A 136 6.30 35.34 -8.50
C GLU A 136 5.52 34.11 -8.97
N ARG A 137 6.10 32.91 -8.91
CA ARG A 137 5.39 31.73 -9.39
C ARG A 137 4.37 31.19 -8.39
N GLY A 138 4.37 31.69 -7.16
CA GLY A 138 3.38 31.27 -6.18
C GLY A 138 3.50 29.82 -5.76
N ASP A 139 4.72 29.35 -5.54
CA ASP A 139 4.91 27.96 -5.20
C ASP A 139 4.29 27.66 -3.84
N GLU A 140 3.67 26.48 -3.74
CA GLU A 140 2.96 26.09 -2.52
C GLU A 140 3.87 25.46 -1.47
N ALA A 141 5.11 25.09 -1.83
CA ALA A 141 5.96 24.35 -0.91
C ALA A 141 7.36 24.96 -0.77
N GLU A 142 7.86 25.58 -1.83
CA GLU A 142 9.21 26.13 -1.83
C GLU A 142 9.06 27.65 -1.84
N GLY A 143 9.06 28.24 -0.66
CA GLY A 143 8.90 29.67 -0.50
C GLY A 143 10.16 30.31 0.05
N PHE A 144 10.04 31.01 1.18
CA PHE A 144 11.19 31.67 1.79
C PHE A 144 11.35 31.25 3.25
N LEU A 145 12.53 31.55 3.79
CA LEU A 145 12.86 31.37 5.19
C LEU A 145 13.37 32.69 5.75
N ILE A 146 13.16 32.89 7.05
CA ILE A 146 13.76 34.02 7.76
C ILE A 146 15.10 33.58 8.30
N VAL A 147 16.16 34.33 7.95
CA VAL A 147 17.48 34.02 8.47
C VAL A 147 17.54 34.38 9.94
N THR A 148 18.15 33.52 10.75
CA THR A 148 18.25 33.75 12.18
C THR A 148 19.71 33.90 12.60
N ALA A 149 19.90 34.48 13.78
CA ALA A 149 21.21 34.62 14.40
C ALA A 149 21.09 34.25 15.86
N ALA A 150 22.24 34.07 16.51
CA ALA A 150 22.23 33.89 17.95
C ALA A 150 21.75 35.19 18.61
N ALA A 151 20.87 35.04 19.59
CA ALA A 151 20.43 36.19 20.36
C ALA A 151 21.64 36.87 21.03
N ASP A 152 21.63 38.19 21.05
CA ASP A 152 22.72 38.99 21.62
C ASP A 152 22.19 39.86 22.73
N GLN A 153 23.06 40.18 23.69
CA GLN A 153 22.73 41.13 24.76
C GLN A 153 21.38 40.83 25.40
N GLY A 154 20.48 41.81 25.37
CA GLY A 154 19.20 41.65 26.04
C GLY A 154 18.29 40.59 25.45
N LEU A 155 18.41 40.33 24.14
CA LEU A 155 17.48 39.37 23.55
C LEU A 155 17.70 37.95 24.07
N VAL A 156 18.90 37.64 24.53
CA VAL A 156 19.09 36.32 25.12
C VAL A 156 18.21 36.15 26.36
N ASP A 157 17.76 37.25 26.96
CA ASP A 157 16.83 37.17 28.09
C ASP A 157 15.49 36.54 27.71
N ILE A 158 15.19 36.43 26.41
CA ILE A 158 13.89 35.94 25.95
C ILE A 158 14.01 34.58 25.26
N HIS A 159 14.98 34.43 24.36
CA HIS A 159 15.09 33.23 23.55
C HIS A 159 16.50 33.19 22.98
N ASP A 160 16.98 31.97 22.67
CA ASP A 160 18.36 31.79 22.26
C ASP A 160 18.61 32.27 20.83
N ARG A 161 17.57 32.35 20.01
CA ARG A 161 17.67 32.74 18.61
C ARG A 161 16.93 34.05 18.39
N ARG A 162 17.31 34.75 17.32
CA ARG A 162 16.64 35.97 16.92
C ARG A 162 16.66 36.05 15.41
N PRO A 163 15.73 36.79 14.81
CA PRO A 163 15.85 37.06 13.38
C PRO A 163 17.04 37.95 13.09
N LEU A 164 17.66 37.70 11.94
CA LEU A 164 18.69 38.59 11.42
C LEU A 164 17.99 39.83 10.87
N VAL A 165 18.08 40.93 11.60
CA VAL A 165 17.46 42.18 11.20
C VAL A 165 18.55 43.06 10.63
N LEU A 166 18.31 43.62 9.45
CA LEU A 166 19.28 44.47 8.78
C LEU A 166 18.84 45.92 8.85
N SER A 167 19.84 46.83 8.93
CA SER A 167 19.57 48.24 8.75
C SER A 167 18.94 48.46 7.39
N PRO A 168 18.21 49.56 7.21
CA PRO A 168 17.65 49.85 5.87
C PRO A 168 18.73 49.86 4.80
N GLU A 169 19.92 50.38 5.14
CA GLU A 169 21.02 50.40 4.19
C GLU A 169 21.45 48.98 3.85
N ALA A 170 21.67 48.15 4.87
CA ALA A 170 22.09 46.77 4.64
C ALA A 170 21.02 45.97 3.91
N ALA A 171 19.75 46.19 4.27
CA ALA A 171 18.65 45.48 3.62
C ALA A 171 18.64 45.72 2.10
N ARG A 172 18.87 46.97 1.67
CA ARG A 172 18.90 47.26 0.24
C ARG A 172 20.07 46.55 -0.44
N GLU A 173 21.25 46.59 0.17
CA GLU A 173 22.41 45.90 -0.42
C GLU A 173 22.19 44.40 -0.46
N TRP A 174 21.57 43.86 0.60
CA TRP A 174 21.29 42.42 0.68
C TRP A 174 20.49 41.95 -0.54
N MET A 175 19.53 42.75 -1.00
CA MET A 175 18.65 42.29 -2.07
C MET A 175 19.29 42.33 -3.45
N ARG A 176 20.40 43.04 -3.61
CA ARG A 176 20.89 43.32 -4.95
C ARG A 176 21.41 42.04 -5.60
N GLN A 177 21.04 41.84 -6.87
CA GLN A 177 21.45 40.64 -7.59
C GLN A 177 22.94 40.64 -7.88
N GLU A 178 23.54 41.84 -8.00
CA GLU A 178 24.97 41.98 -8.25
C GLU A 178 25.81 41.50 -7.08
N ILE A 179 25.25 41.46 -5.89
CA ILE A 179 26.00 41.11 -4.68
C ILE A 179 26.11 39.58 -4.61
N SER A 180 27.33 39.09 -4.39
CA SER A 180 27.57 37.66 -4.38
C SER A 180 27.21 37.04 -3.02
N GLY A 181 27.30 35.70 -2.98
CA GLY A 181 27.09 35.02 -1.71
C GLY A 181 28.10 35.46 -0.65
N LYS A 182 29.37 35.56 -1.04
CA LYS A 182 30.39 35.99 -0.09
C LYS A 182 30.13 37.42 0.39
N GLU A 183 29.79 38.31 -0.53
CA GLU A 183 29.45 39.67 -0.13
C GLU A 183 28.18 39.71 0.71
N ALA A 184 27.24 38.80 0.44
CA ALA A 184 26.07 38.66 1.30
C ALA A 184 26.46 38.28 2.72
N SER A 185 27.41 37.36 2.86
CA SER A 185 27.86 36.98 4.19
C SER A 185 28.48 38.16 4.92
N GLU A 186 29.24 38.99 4.20
CA GLU A 186 29.81 40.18 4.83
C GLU A 186 28.72 41.14 5.31
N ILE A 187 27.68 41.32 4.50
CA ILE A 187 26.56 42.19 4.88
C ILE A 187 25.86 41.63 6.12
N ALA A 188 25.68 40.31 6.16
CA ALA A 188 24.97 39.70 7.29
C ALA A 188 25.74 39.92 8.60
N ALA A 189 27.07 39.86 8.54
CA ALA A 189 27.86 40.02 9.76
C ALA A 189 27.94 41.49 10.20
N SER A 190 28.08 42.41 9.25
CA SER A 190 28.25 43.82 9.59
C SER A 190 26.93 44.58 9.67
N GLY A 191 25.86 44.05 9.10
CA GLY A 191 24.60 44.76 9.03
C GLY A 191 23.56 44.40 10.06
N CYS A 192 23.84 43.42 10.93
CA CYS A 192 22.85 42.98 11.90
C CYS A 192 22.62 44.05 12.95
N VAL A 193 21.37 44.45 13.11
CA VAL A 193 20.98 45.47 14.10
C VAL A 193 21.14 44.89 15.50
N PRO A 194 21.92 45.53 16.37
CA PRO A 194 22.14 44.97 17.71
C PRO A 194 20.88 45.03 18.59
N ALA A 195 20.84 44.13 19.57
CA ALA A 195 19.65 44.01 20.42
C ALA A 195 19.31 45.30 21.15
N ASN A 196 20.31 46.12 21.47
CA ASN A 196 20.06 47.36 22.20
C ASN A 196 19.18 48.33 21.43
N GLN A 197 18.97 48.11 20.13
CA GLN A 197 18.08 48.95 19.35
C GLN A 197 16.61 48.58 19.53
N PHE A 198 16.32 47.44 20.16
CA PHE A 198 14.97 46.95 20.32
C PHE A 198 14.48 47.11 21.75
N SER A 199 13.17 47.34 21.88
CA SER A 199 12.46 47.20 23.14
C SER A 199 11.42 46.10 22.99
N TRP A 200 10.82 45.72 24.10
CA TRP A 200 9.81 44.67 24.05
C TRP A 200 8.90 44.74 25.25
N HIS A 201 7.72 44.15 25.10
CA HIS A 201 6.77 44.11 26.20
C HIS A 201 5.98 42.82 26.11
N PRO A 202 5.48 42.33 27.24
CA PRO A 202 4.56 41.19 27.19
C PRO A 202 3.26 41.58 26.51
N VAL A 203 2.76 40.67 25.67
CA VAL A 203 1.47 40.80 25.00
C VAL A 203 0.55 39.68 25.49
N SER A 204 -0.72 39.79 25.13
CA SER A 204 -1.70 38.77 25.51
C SER A 204 -1.28 37.39 25.03
N ARG A 205 -1.55 36.37 25.83
CA ARG A 205 -1.29 35.01 25.37
C ARG A 205 -2.20 34.59 24.22
N ALA A 206 -3.21 35.39 23.88
CA ALA A 206 -4.05 35.06 22.75
C ALA A 206 -3.27 34.96 21.44
N VAL A 207 -2.10 35.60 21.34
CA VAL A 207 -1.36 35.61 20.08
C VAL A 207 -0.88 34.20 19.73
N GLY A 208 -0.73 33.33 20.72
CA GLY A 208 -0.23 31.99 20.43
C GLY A 208 -1.08 31.27 19.40
N ASN A 209 -2.40 31.44 19.49
CA ASN A 209 -3.34 30.80 18.56
C ASN A 209 -3.37 31.58 17.24
N VAL A 210 -2.94 30.93 16.15
CA VAL A 210 -2.84 31.60 14.85
C VAL A 210 -4.20 32.03 14.31
N LYS A 211 -5.30 31.54 14.88
CA LYS A 211 -6.62 32.00 14.46
C LYS A 211 -6.92 33.40 14.97
N ASN A 212 -6.19 33.86 15.98
CA ASN A 212 -6.41 35.20 16.53
C ASN A 212 -5.67 36.23 15.68
N GLN A 213 -6.39 37.25 15.24
CA GLN A 213 -5.79 38.20 14.32
C GLN A 213 -6.13 39.65 14.63
N GLY A 214 -6.57 39.97 15.85
CA GLY A 214 -6.91 41.34 16.18
C GLY A 214 -5.69 42.23 16.40
N ALA A 215 -5.91 43.55 16.23
CA ALA A 215 -4.85 44.53 16.42
C ALA A 215 -4.33 44.58 17.86
N GLU A 216 -5.13 44.12 18.83
CA GLU A 216 -4.70 44.09 20.22
C GLU A 216 -3.53 43.15 20.45
N LEU A 217 -3.21 42.27 19.49
CA LEU A 217 -2.20 41.25 19.75
C LEU A 217 -0.80 41.81 19.89
N ILE A 218 -0.53 43.00 19.32
CA ILE A 218 0.78 43.62 19.50
C ILE A 218 0.81 44.59 20.68
N GLN A 219 -0.31 44.81 21.37
CA GLN A 219 -0.32 45.81 22.42
C GLN A 219 0.15 45.24 23.73
N PRO A 220 0.71 46.08 24.60
CA PRO A 220 1.15 45.59 25.91
C PRO A 220 -0.04 45.16 26.75
N VAL A 221 0.14 44.08 27.51
CA VAL A 221 -0.89 43.68 28.45
C VAL A 221 -1.11 44.79 29.45
N LEU A 222 -2.35 44.90 29.95
CA LEU A 222 -2.64 45.90 30.96
C LEU A 222 -2.11 45.47 32.32
N GLU A 223 -1.98 44.16 32.54
CA GLU A 223 -1.37 43.64 33.76
C GLU A 223 -0.62 42.37 33.39
N VAL A 224 0.67 42.33 33.71
CA VAL A 224 1.46 41.12 33.46
C VAL A 224 0.94 40.00 34.34
N LEU A 225 0.60 38.88 33.73
CA LEU A 225 0.04 37.73 34.44
C LEU A 225 1.04 36.59 34.45
N PHE A 226 1.06 35.86 35.55
CA PHE A 226 2.01 34.77 35.75
C PHE A 226 1.32 33.40 35.87
N CYS C 1 -1.17 -10.68 -11.61
CA CYS C 1 -1.19 -10.01 -12.91
C CYS C 1 -2.25 -10.66 -13.80
N GLY C 2 -3.31 -11.14 -13.17
CA GLY C 2 -4.39 -11.79 -13.89
C GLY C 2 -5.71 -11.07 -13.83
N ARG C 3 -5.70 -9.76 -13.56
CA ARG C 3 -6.92 -8.96 -13.52
C ARG C 3 -6.51 -7.50 -13.44
N PHE C 4 -7.26 -6.61 -14.10
CA PHE C 4 -6.98 -5.19 -13.97
C PHE C 4 -8.23 -4.39 -14.30
N ALA C 5 -8.13 -3.07 -14.22
CA ALA C 5 -9.23 -2.18 -14.53
C ALA C 5 -8.84 -1.30 -15.71
N GLN C 6 -9.78 -1.11 -16.62
CA GLN C 6 -9.61 -0.24 -17.79
C GLN C 6 -10.95 0.46 -17.94
N SER C 7 -11.13 1.55 -17.17
CA SER C 7 -12.44 2.16 -17.02
C SER C 7 -12.60 3.52 -17.66
N GLN C 8 -11.51 4.23 -17.93
CA GLN C 8 -11.59 5.61 -18.38
C GLN C 8 -11.79 5.66 -19.90
N THR C 9 -11.81 6.88 -20.46
CA THR C 9 -11.97 7.01 -21.91
C THR C 9 -10.64 6.78 -22.62
N ARG C 10 -10.71 6.48 -23.91
CA ARG C 10 -9.49 6.31 -24.70
C ARG C 10 -8.55 7.50 -24.56
N GLU C 11 -9.11 8.72 -24.63
CA GLU C 11 -8.24 9.90 -24.58
C GLU C 11 -7.53 10.03 -23.24
N ASP C 12 -8.17 9.61 -22.15
CA ASP C 12 -7.49 9.64 -20.85
C ASP C 12 -6.20 8.84 -20.90
N TYR C 13 -6.19 7.73 -21.64
CA TYR C 13 -4.98 6.92 -21.72
C TYR C 13 -4.04 7.46 -22.79
N LEU C 14 -4.58 7.85 -23.95
CA LEU C 14 -3.75 8.15 -25.12
C LEU C 14 -3.01 9.48 -24.99
N ALA C 15 -3.54 10.40 -24.19
CA ALA C 15 -2.94 11.74 -24.11
C ALA C 15 -1.49 11.69 -23.63
N LEU C 16 -1.14 10.72 -22.77
CA LEU C 16 0.22 10.67 -22.25
C LEU C 16 1.23 10.10 -23.23
N LEU C 17 0.78 9.48 -24.33
CA LEU C 17 1.64 8.71 -25.22
C LEU C 17 1.95 9.38 -26.55
N ALA C 18 0.99 10.05 -27.18
CA ALA C 18 1.21 10.50 -28.54
C ALA C 18 0.19 11.57 -28.91
N GLU C 19 0.61 12.47 -29.79
CA GLU C 19 -0.34 13.42 -30.35
C GLU C 19 -1.28 12.70 -31.32
N ASP C 20 -2.39 13.38 -31.63
CA ASP C 20 -3.38 12.81 -32.56
C ASP C 20 -2.76 12.46 -33.90
N ILE C 21 -1.81 13.27 -34.38
CA ILE C 21 -1.22 13.02 -35.69
C ILE C 21 -0.48 11.68 -35.73
N GLU C 22 -0.04 11.18 -34.58
CA GLU C 22 0.60 9.88 -34.52
C GLU C 22 -0.39 8.74 -34.42
N ARG C 23 -1.69 9.03 -34.33
CA ARG C 23 -2.72 8.04 -34.10
C ARG C 23 -3.52 7.75 -35.36
N ASP C 24 -3.98 6.51 -35.47
CA ASP C 24 -5.01 6.12 -36.42
C ASP C 24 -6.11 5.44 -35.60
N ILE C 25 -6.75 6.23 -34.74
CA ILE C 25 -7.69 5.73 -33.75
C ILE C 25 -8.89 6.66 -33.75
N PRO C 26 -10.08 6.20 -34.15
CA PRO C 26 -11.23 7.09 -34.22
C PRO C 26 -11.59 7.65 -32.85
N TYR C 27 -12.09 8.89 -32.85
CA TYR C 27 -12.52 9.53 -31.61
C TYR C 27 -13.67 8.76 -30.99
N ASP C 28 -13.60 8.55 -29.67
CA ASP C 28 -14.65 7.86 -28.96
C ASP C 28 -14.59 8.25 -27.49
N PRO C 29 -15.48 9.13 -27.02
CA PRO C 29 -15.41 9.60 -25.64
C PRO C 29 -16.17 8.77 -24.62
N GLU C 30 -16.68 7.61 -25.01
CA GLU C 30 -17.43 6.78 -24.08
C GLU C 30 -16.46 6.04 -23.17
N PRO C 31 -16.58 6.17 -21.85
CA PRO C 31 -15.64 5.45 -20.97
C PRO C 31 -15.65 3.97 -21.28
N ILE C 32 -14.45 3.37 -21.31
CA ILE C 32 -14.38 1.92 -21.53
C ILE C 32 -15.16 1.18 -20.44
N GLY C 33 -15.09 1.67 -19.21
CA GLY C 33 -16.02 1.23 -18.18
C GLY C 33 -15.78 -0.13 -17.60
N ARG C 34 -14.62 -0.74 -17.82
CA ARG C 34 -14.35 -2.11 -17.37
C ARG C 34 -13.56 -2.06 -16.07
N TYR C 35 -14.22 -2.39 -14.96
CA TYR C 35 -13.54 -2.36 -13.68
C TYR C 35 -12.98 -3.72 -13.27
N ASN C 36 -13.25 -4.78 -14.05
CA ASN C 36 -12.87 -6.15 -13.71
C ASN C 36 -12.55 -6.85 -15.04
N VAL C 37 -11.41 -6.49 -15.64
CA VAL C 37 -11.00 -7.04 -16.93
C VAL C 37 -10.40 -8.42 -16.72
N ALA C 38 -10.98 -9.43 -17.40
CA ALA C 38 -10.66 -10.82 -17.11
C ALA C 38 -9.90 -11.48 -18.25
N PRO C 39 -8.97 -12.38 -17.92
CA PRO C 39 -8.40 -13.26 -18.93
C PRO C 39 -9.47 -13.91 -19.81
N GLY C 40 -9.10 -14.11 -21.07
CA GLY C 40 -10.00 -14.76 -22.00
C GLY C 40 -11.06 -13.87 -22.61
N THR C 41 -11.06 -12.58 -22.31
CA THR C 41 -11.93 -11.64 -23.00
C THR C 41 -11.12 -10.87 -24.04
N LYS C 42 -11.83 -10.19 -24.94
CA LYS C 42 -11.16 -9.26 -25.83
C LYS C 42 -10.93 -7.94 -25.09
N VAL C 43 -9.70 -7.42 -25.19
CA VAL C 43 -9.28 -6.20 -24.48
C VAL C 43 -8.73 -5.22 -25.50
N LEU C 44 -9.09 -3.94 -25.37
CA LEU C 44 -8.47 -2.94 -26.21
C LEU C 44 -6.97 -2.88 -25.95
N LEU C 45 -6.19 -3.05 -27.02
CA LEU C 45 -4.74 -3.18 -26.96
C LEU C 45 -4.13 -2.17 -27.91
N LEU C 46 -3.08 -1.48 -27.46
CA LEU C 46 -2.43 -0.42 -28.23
C LEU C 46 -1.17 -0.95 -28.91
N SER C 47 -0.97 -0.59 -30.17
CA SER C 47 0.22 -1.04 -30.89
C SER C 47 0.50 -0.08 -32.03
N GLU C 48 1.66 -0.27 -32.66
CA GLU C 48 2.10 0.60 -33.75
C GLU C 48 2.21 -0.20 -35.04
N ARG C 49 1.52 0.26 -36.09
CA ARG C 49 1.72 -0.29 -37.42
C ARG C 49 1.52 0.82 -38.45
N ASP C 50 2.24 0.71 -39.57
CA ASP C 50 2.15 1.72 -40.62
C ASP C 50 2.45 3.11 -40.04
N GLU C 51 3.43 3.17 -39.14
CA GLU C 51 3.93 4.40 -38.54
C GLU C 51 2.89 5.12 -37.69
N HIS C 52 1.82 4.44 -37.27
CA HIS C 52 0.77 5.08 -36.49
C HIS C 52 0.33 4.17 -35.35
N LEU C 53 -0.21 4.78 -34.31
CA LEU C 53 -0.75 4.02 -33.19
C LEU C 53 -2.15 3.52 -33.51
N HIS C 54 -2.41 2.26 -33.20
CA HIS C 54 -3.70 1.63 -33.43
C HIS C 54 -4.21 1.00 -32.14
N LEU C 55 -5.54 0.93 -32.05
CA LEU C 55 -6.21 0.33 -30.90
C LEU C 55 -7.10 -0.77 -31.45
N ASP C 56 -6.85 -2.01 -31.03
CA ASP C 56 -7.61 -3.16 -31.50
C ASP C 56 -8.11 -3.96 -30.30
N PRO C 57 -9.29 -4.58 -30.43
CA PRO C 57 -9.75 -5.51 -29.38
C PRO C 57 -9.09 -6.87 -29.59
N VAL C 58 -8.30 -7.30 -28.63
CA VAL C 58 -7.48 -8.50 -28.77
C VAL C 58 -7.74 -9.43 -27.59
N PHE C 59 -7.85 -10.72 -27.91
CA PHE C 59 -8.02 -11.80 -26.92
C PHE C 59 -6.87 -11.78 -25.92
N TRP C 60 -7.20 -11.72 -24.64
CA TRP C 60 -6.17 -11.81 -23.60
C TRP C 60 -5.91 -13.30 -23.35
N GLY C 61 -4.87 -13.81 -23.97
CA GLY C 61 -4.57 -15.23 -23.94
C GLY C 61 -3.78 -15.61 -25.19
N TYR C 62 -2.98 -16.67 -25.06
CA TYR C 62 -2.11 -17.09 -26.16
C TYR C 62 -2.01 -18.61 -26.15
N ALA C 63 -2.54 -19.23 -27.19
CA ALA C 63 -2.50 -20.69 -27.33
C ALA C 63 -2.39 -21.00 -28.81
N PRO C 64 -1.17 -21.12 -29.33
CA PRO C 64 -1.00 -21.58 -30.71
C PRO C 64 -1.59 -22.97 -30.88
N GLY C 65 -1.81 -23.35 -32.14
CA GLY C 65 -2.43 -24.64 -32.42
C GLY C 65 -1.69 -25.80 -31.79
N TRP C 66 -0.35 -25.71 -31.71
CA TRP C 66 0.46 -26.79 -31.15
C TRP C 66 0.46 -26.80 -29.63
N TRP C 67 -0.15 -25.78 -28.99
CA TRP C 67 -0.20 -25.69 -27.54
C TRP C 67 -1.49 -26.34 -27.05
N ASP C 68 -1.38 -27.51 -26.44
CA ASP C 68 -2.55 -28.23 -25.93
C ASP C 68 -2.67 -28.09 -24.42
N LYS C 69 -2.48 -26.87 -23.92
CA LYS C 69 -2.69 -26.51 -22.53
C LYS C 69 -3.52 -25.23 -22.54
N PRO C 70 -4.02 -24.80 -21.39
CA PRO C 70 -4.83 -23.59 -21.37
C PRO C 70 -4.01 -22.41 -21.86
N PRO C 71 -4.65 -21.46 -22.54
CA PRO C 71 -3.91 -20.30 -23.06
C PRO C 71 -3.13 -19.60 -21.96
N LEU C 72 -1.92 -19.17 -22.30
CA LEU C 72 -1.11 -18.39 -21.39
C LEU C 72 -1.54 -16.94 -21.42
N ILE C 73 -1.49 -16.28 -20.27
CA ILE C 73 -1.90 -14.89 -20.17
C ILE C 73 -0.78 -13.95 -19.74
N ASN C 74 0.35 -14.50 -19.28
CA ASN C 74 1.51 -13.72 -18.87
C ASN C 74 2.76 -14.32 -19.51
N ALA C 75 3.76 -13.47 -19.69
CA ALA C 75 5.08 -13.89 -20.15
C ALA C 75 6.12 -13.28 -19.21
N ARG C 76 6.97 -14.11 -18.62
CA ARG C 76 7.95 -13.59 -17.65
C ARG C 76 9.08 -12.86 -18.34
N VAL C 77 9.36 -11.63 -17.90
CA VAL C 77 10.38 -10.82 -18.57
C VAL C 77 11.76 -11.46 -18.44
N GLU C 78 11.95 -12.29 -17.41
CA GLU C 78 13.25 -12.92 -17.21
C GLU C 78 13.65 -13.79 -18.39
N THR C 79 12.67 -14.37 -19.10
CA THR C 79 12.96 -15.37 -20.13
C THR C 79 12.24 -15.16 -21.46
N ALA C 80 11.29 -14.22 -21.55
CA ALA C 80 10.42 -14.18 -22.72
C ALA C 80 11.19 -13.88 -24.00
N ALA C 81 12.22 -13.02 -23.91
CA ALA C 81 12.89 -12.60 -25.14
C ALA C 81 13.67 -13.74 -25.79
N THR C 82 14.09 -14.74 -25.01
CA THR C 82 14.82 -15.89 -25.54
C THR C 82 13.97 -17.16 -25.60
N SER C 83 12.74 -17.10 -25.11
CA SER C 83 11.86 -18.27 -25.12
C SER C 83 11.54 -18.70 -26.54
N ARG C 84 11.63 -20.01 -26.81
CA ARG C 84 11.20 -20.51 -28.11
C ARG C 84 9.75 -20.12 -28.41
N MET C 85 8.90 -20.07 -27.38
CA MET C 85 7.50 -19.71 -27.58
C MET C 85 7.31 -18.20 -27.77
N PHE C 86 7.95 -17.40 -26.92
CA PHE C 86 7.65 -15.98 -26.90
C PHE C 86 8.58 -15.12 -27.75
N LYS C 87 9.77 -15.61 -28.12
CA LYS C 87 10.70 -14.77 -28.89
C LYS C 87 10.08 -14.14 -30.13
N PRO C 88 9.31 -14.85 -30.96
CA PRO C 88 8.68 -14.16 -32.10
C PRO C 88 7.73 -13.06 -31.68
N LEU C 89 7.05 -13.21 -30.53
CA LEU C 89 6.16 -12.14 -30.07
C LEU C 89 6.97 -10.96 -29.56
N TRP C 90 8.10 -11.23 -28.91
CA TRP C 90 8.97 -10.17 -28.41
C TRP C 90 9.56 -9.36 -29.55
N GLN C 91 9.78 -9.99 -30.71
CA GLN C 91 10.38 -9.27 -31.82
C GLN C 91 9.35 -8.53 -32.68
N HIS C 92 8.22 -9.17 -32.96
CA HIS C 92 7.24 -8.62 -33.89
C HIS C 92 5.94 -8.16 -33.25
N GLY C 93 5.64 -8.64 -32.04
CA GLY C 93 4.32 -8.42 -31.49
C GLY C 93 4.24 -7.62 -30.21
N ARG C 94 5.15 -6.66 -30.02
CA ARG C 94 5.07 -5.84 -28.82
C ARG C 94 3.89 -4.88 -28.92
N ALA C 95 3.29 -4.62 -27.77
CA ALA C 95 2.11 -3.78 -27.67
C ALA C 95 2.04 -3.22 -26.24
N ILE C 96 1.05 -2.38 -25.98
CA ILE C 96 0.81 -1.81 -24.68
C ILE C 96 -0.64 -2.04 -24.30
N CYS C 97 -0.87 -2.46 -23.07
CA CYS C 97 -2.23 -2.56 -22.53
C CYS C 97 -2.31 -1.53 -21.43
N PHE C 98 -3.12 -0.48 -21.64
CA PHE C 98 -3.25 0.56 -20.63
C PHE C 98 -4.38 0.24 -19.65
N ALA C 99 -4.25 0.78 -18.44
CA ALA C 99 -5.10 0.41 -17.34
C ALA C 99 -5.08 1.50 -16.28
N ASP C 100 -6.07 1.45 -15.39
CA ASP C 100 -6.06 2.32 -14.22
C ASP C 100 -5.18 1.80 -13.11
N GLY C 101 -4.93 0.50 -13.13
CA GLY C 101 -4.34 -0.21 -12.01
C GLY C 101 -4.68 -1.66 -12.21
N TRP C 102 -4.13 -2.51 -11.33
CA TRP C 102 -4.37 -3.94 -11.44
C TRP C 102 -4.67 -4.53 -10.07
N PHE C 103 -5.17 -5.75 -10.07
CA PHE C 103 -5.55 -6.44 -8.84
C PHE C 103 -4.56 -7.56 -8.57
N GLU C 104 -4.27 -7.78 -7.28
CA GLU C 104 -3.53 -8.96 -6.83
C GLU C 104 -4.23 -9.51 -5.60
N TRP C 105 -4.15 -10.82 -5.43
CA TRP C 105 -4.79 -11.50 -4.30
C TRP C 105 -3.69 -11.99 -3.37
N LYS C 106 -3.66 -11.44 -2.17
CA LYS C 106 -2.70 -11.84 -1.15
C LYS C 106 -3.23 -13.06 -0.40
N LYS C 107 -2.40 -14.09 -0.29
CA LYS C 107 -2.84 -15.29 0.41
C LYS C 107 -2.80 -15.06 1.90
N GLU C 108 -3.93 -15.30 2.56
CA GLU C 108 -4.11 -15.07 3.99
C GLU C 108 -4.50 -16.40 4.61
N GLY C 109 -3.51 -17.12 5.13
CA GLY C 109 -3.70 -18.48 5.57
C GLY C 109 -4.27 -19.31 4.44
N ASP C 110 -5.58 -19.60 4.53
CA ASP C 110 -6.29 -20.31 3.48
C ASP C 110 -7.29 -19.43 2.75
N LYS C 111 -7.26 -18.12 2.98
CA LYS C 111 -8.10 -17.17 2.26
C LYS C 111 -7.22 -16.27 1.39
N LYS C 112 -7.89 -15.50 0.52
CA LYS C 112 -7.20 -14.56 -0.34
C LYS C 112 -7.89 -13.21 -0.27
N GLN C 113 -7.09 -12.14 -0.08
CA GLN C 113 -7.60 -10.80 0.00
C GLN C 113 -7.16 -10.03 -1.23
N PRO C 114 -8.07 -9.49 -2.03
CA PRO C 114 -7.66 -8.70 -3.19
C PRO C 114 -7.27 -7.28 -2.82
N PHE C 115 -6.27 -6.78 -3.55
CA PHE C 115 -5.79 -5.42 -3.46
C PHE C 115 -5.87 -4.79 -4.83
N PHE C 116 -6.10 -3.48 -4.88
CA PHE C 116 -5.98 -2.71 -6.11
C PHE C 116 -4.72 -1.85 -6.01
N ILE C 117 -3.91 -1.90 -7.06
CA ILE C 117 -2.59 -1.26 -7.11
C ILE C 117 -2.60 -0.27 -8.26
N TYR C 118 -2.17 0.96 -7.99
CA TYR C 118 -2.30 2.05 -8.95
C TYR C 118 -1.19 3.07 -8.71
N ARG C 119 -0.98 3.97 -9.67
CA ARG C 119 0.07 4.96 -9.52
C ARG C 119 -0.33 6.05 -8.52
N ALA C 120 0.59 6.33 -7.58
CA ALA C 120 0.36 7.38 -6.59
C ALA C 120 0.10 8.73 -7.23
N ASP C 121 0.64 8.98 -8.42
CA ASP C 121 0.47 10.28 -9.07
C ASP C 121 -0.84 10.41 -9.85
N GLY C 122 -1.67 9.36 -9.84
CA GLY C 122 -2.96 9.40 -10.51
C GLY C 122 -2.92 9.10 -11.99
N GLN C 123 -1.75 8.90 -12.57
CA GLN C 123 -1.67 8.55 -13.97
C GLN C 123 -2.11 7.10 -14.18
N PRO C 124 -2.61 6.78 -15.37
CA PRO C 124 -2.85 5.37 -15.72
C PRO C 124 -1.52 4.65 -15.92
N ILE C 125 -1.59 3.32 -15.98
CA ILE C 125 -0.40 2.52 -16.19
C ILE C 125 -0.37 2.04 -17.63
N PHE C 126 0.83 1.82 -18.13
CA PHE C 126 1.03 1.29 -19.48
C PHE C 126 1.76 -0.04 -19.30
N MET C 127 1.01 -1.14 -19.38
CA MET C 127 1.58 -2.46 -19.18
C MET C 127 2.20 -2.97 -20.47
N ALA C 128 3.44 -3.45 -20.38
CA ALA C 128 4.08 -4.07 -21.53
C ALA C 128 3.38 -5.37 -21.89
N ALA C 129 3.06 -5.53 -23.18
CA ALA C 129 2.38 -6.70 -23.72
C ALA C 129 3.17 -7.24 -24.90
N ILE C 130 3.01 -8.53 -25.16
CA ILE C 130 3.49 -9.14 -26.41
C ILE C 130 2.36 -10.00 -26.95
N GLY C 131 2.27 -10.08 -28.28
CA GLY C 131 1.11 -10.77 -28.84
C GLY C 131 1.32 -11.19 -30.28
N SER C 132 0.26 -11.79 -30.83
CA SER C 132 0.29 -12.37 -32.18
C SER C 132 -0.22 -11.36 -33.20
N THR C 133 0.66 -10.85 -34.02
CA THR C 133 0.25 -9.93 -35.07
C THR C 133 -0.17 -10.72 -36.30
N PRO C 134 -1.05 -10.16 -37.15
CA PRO C 134 -1.71 -8.85 -37.03
C PRO C 134 -2.85 -8.84 -36.00
N PHE C 135 -2.82 -7.85 -35.10
CA PHE C 135 -3.81 -7.81 -34.02
C PHE C 135 -5.22 -7.56 -34.55
N GLU C 136 -5.35 -6.84 -35.65
CA GLU C 136 -6.64 -6.47 -36.19
C GLU C 136 -7.44 -7.67 -36.72
N ARG C 137 -6.83 -8.85 -36.84
CA ARG C 137 -7.57 -9.98 -37.40
C ARG C 137 -8.54 -10.61 -36.41
N GLY C 138 -8.46 -10.26 -35.13
CA GLY C 138 -9.41 -10.73 -34.14
C GLY C 138 -9.31 -12.22 -33.82
N ASP C 139 -8.08 -12.74 -33.73
CA ASP C 139 -7.92 -14.18 -33.51
C ASP C 139 -8.51 -14.59 -32.17
N GLU C 140 -9.11 -15.78 -32.13
CA GLU C 140 -9.79 -16.25 -30.94
C GLU C 140 -8.89 -17.01 -29.98
N ALA C 141 -7.68 -17.39 -30.39
CA ALA C 141 -6.82 -18.21 -29.54
C ALA C 141 -5.44 -17.61 -29.32
N GLU C 142 -4.94 -16.88 -30.32
CA GLU C 142 -3.61 -16.27 -30.26
C GLU C 142 -3.80 -14.75 -30.16
N GLY C 143 -3.82 -14.25 -28.92
CA GLY C 143 -4.01 -12.84 -28.67
C GLY C 143 -2.75 -12.23 -28.08
N PHE C 144 -2.83 -11.67 -26.87
CA PHE C 144 -1.69 -11.04 -26.24
C PHE C 144 -1.49 -11.58 -24.83
N LEU C 145 -0.30 -11.31 -24.29
CA LEU C 145 0.03 -11.61 -22.91
C LEU C 145 0.57 -10.35 -22.25
N ILE C 146 0.36 -10.24 -20.94
CA ILE C 146 0.95 -9.16 -20.15
C ILE C 146 2.30 -9.65 -19.65
N VAL C 147 3.37 -8.91 -19.98
CA VAL C 147 4.69 -9.25 -19.49
C VAL C 147 4.75 -9.00 -17.99
N THR C 148 5.35 -9.93 -17.24
CA THR C 148 5.49 -9.81 -15.80
C THR C 148 6.96 -9.70 -15.39
N ALA C 149 7.15 -9.16 -14.20
CA ALA C 149 8.47 -9.06 -13.57
C ALA C 149 8.38 -9.53 -12.14
N ALA C 150 9.53 -9.71 -11.49
CA ALA C 150 9.55 -10.02 -10.08
C ALA C 150 9.04 -8.82 -9.29
N ALA C 151 8.17 -9.08 -8.32
CA ALA C 151 7.70 -8.03 -7.41
C ALA C 151 8.89 -7.42 -6.67
N ASP C 152 8.94 -6.08 -6.65
CA ASP C 152 10.00 -5.33 -5.99
C ASP C 152 9.46 -4.58 -4.79
N GLN C 153 10.38 -4.29 -3.86
CA GLN C 153 10.13 -3.49 -2.66
C GLN C 153 8.85 -4.02 -1.99
N GLY C 154 7.86 -3.18 -1.71
CA GLY C 154 6.73 -3.60 -0.92
C GLY C 154 5.72 -4.47 -1.63
N LEU C 155 5.78 -4.55 -2.96
CA LEU C 155 4.81 -5.40 -3.64
C LEU C 155 5.05 -6.88 -3.32
N VAL C 156 6.27 -7.25 -2.95
CA VAL C 156 6.57 -8.64 -2.64
C VAL C 156 5.72 -9.15 -1.47
N ASP C 157 5.22 -8.25 -0.61
CA ASP C 157 4.38 -8.68 0.50
C ASP C 157 2.97 -9.04 0.06
N ILE C 158 2.58 -8.69 -1.16
CA ILE C 158 1.28 -9.05 -1.71
C ILE C 158 1.37 -10.30 -2.59
N HIS C 159 2.35 -10.32 -3.49
CA HIS C 159 2.49 -11.41 -4.47
C HIS C 159 3.91 -11.36 -5.02
N ASP C 160 4.43 -12.50 -5.46
CA ASP C 160 5.83 -12.49 -5.88
C ASP C 160 6.02 -11.98 -7.31
N ARG C 161 4.95 -11.81 -8.08
CA ARG C 161 5.00 -11.31 -9.45
C ARG C 161 4.27 -9.98 -9.55
N ARG C 162 4.56 -9.24 -10.61
CA ARG C 162 3.88 -7.99 -10.90
C ARG C 162 3.92 -7.76 -12.40
N PRO C 163 3.01 -6.96 -12.95
CA PRO C 163 3.13 -6.59 -14.36
C PRO C 163 4.31 -5.68 -14.60
N LEU C 164 4.90 -5.82 -15.78
CA LEU C 164 5.93 -4.90 -16.24
C LEU C 164 5.23 -3.64 -16.71
N VAL C 165 5.29 -2.60 -15.89
CA VAL C 165 4.70 -1.29 -16.20
C VAL C 165 5.81 -0.39 -16.72
N LEU C 166 5.56 0.28 -17.84
CA LEU C 166 6.52 1.19 -18.44
C LEU C 166 6.08 2.64 -18.28
N SER C 167 7.07 3.53 -18.15
CA SER C 167 6.78 4.94 -18.22
C SER C 167 6.13 5.26 -19.56
N PRO C 168 5.37 6.36 -19.63
CA PRO C 168 4.79 6.74 -20.93
C PRO C 168 5.83 6.84 -22.02
N GLU C 169 7.02 7.39 -21.72
CA GLU C 169 8.05 7.51 -22.74
C GLU C 169 8.56 6.14 -23.15
N ALA C 170 8.80 5.25 -22.18
CA ALA C 170 9.30 3.92 -22.53
C ALA C 170 8.22 3.10 -23.22
N ALA C 171 6.96 3.32 -22.85
CA ALA C 171 5.88 2.63 -23.54
C ALA C 171 5.88 2.97 -25.02
N ARG C 172 6.06 4.25 -25.35
CA ARG C 172 6.09 4.64 -26.75
C ARG C 172 7.26 4.01 -27.50
N GLU C 173 8.43 3.93 -26.86
CA GLU C 173 9.59 3.32 -27.52
C GLU C 173 9.41 1.82 -27.71
N TRP C 174 8.84 1.16 -26.69
CA TRP C 174 8.57 -0.28 -26.74
C TRP C 174 7.72 -0.65 -27.95
N MET C 175 6.78 0.20 -28.34
CA MET C 175 5.86 -0.14 -29.41
C MET C 175 6.48 0.02 -30.80
N ARG C 176 7.60 0.72 -30.92
CA ARG C 176 8.12 1.07 -32.24
C ARG C 176 8.55 -0.19 -33.00
N GLN C 177 8.10 -0.30 -34.26
CA GLN C 177 8.43 -1.50 -35.03
C GLN C 177 9.89 -1.51 -35.47
N GLU C 178 10.53 -0.35 -35.59
CA GLU C 178 11.94 -0.35 -36.00
C GLU C 178 12.86 -0.84 -34.89
N ILE C 179 12.36 -0.87 -33.65
CA ILE C 179 13.16 -1.28 -32.50
C ILE C 179 13.33 -2.80 -32.53
N SER C 180 14.56 -3.26 -32.29
CA SER C 180 14.86 -4.69 -32.30
C SER C 180 14.48 -5.33 -30.97
N GLY C 181 14.42 -6.66 -30.98
CA GLY C 181 14.17 -7.39 -29.74
C GLY C 181 15.21 -7.09 -28.68
N LYS C 182 16.49 -6.99 -29.08
CA LYS C 182 17.54 -6.66 -28.13
C LYS C 182 17.34 -5.26 -27.55
N GLU C 183 17.00 -4.28 -28.38
CA GLU C 183 16.71 -2.94 -27.88
C GLU C 183 15.45 -2.95 -27.02
N ALA C 184 14.46 -3.77 -27.37
CA ALA C 184 13.26 -3.86 -26.54
C ALA C 184 13.60 -4.40 -25.16
N SER C 185 14.52 -5.37 -25.08
CA SER C 185 14.99 -5.85 -23.79
C SER C 185 15.63 -4.74 -22.97
N GLU C 186 16.36 -3.83 -23.63
CA GLU C 186 16.95 -2.72 -22.89
C GLU C 186 15.87 -1.77 -22.39
N ILE C 187 14.85 -1.52 -23.20
CA ILE C 187 13.75 -0.65 -22.77
C ILE C 187 13.04 -1.25 -21.57
N ALA C 188 12.77 -2.55 -21.61
CA ALA C 188 12.07 -3.18 -20.49
C ALA C 188 12.94 -3.21 -19.24
N ALA C 189 14.26 -3.27 -19.40
CA ALA C 189 15.15 -3.27 -18.24
C ALA C 189 15.19 -1.89 -17.58
N SER C 190 15.30 -0.83 -18.38
CA SER C 190 15.49 0.51 -17.82
C SER C 190 14.18 1.28 -17.66
N GLY C 191 13.11 0.86 -18.33
CA GLY C 191 11.86 1.58 -18.31
C GLY C 191 10.82 1.07 -17.33
N CYS C 192 11.13 0.03 -16.55
CA CYS C 192 10.14 -0.53 -15.63
C CYS C 192 9.89 0.46 -14.50
N VAL C 193 8.62 0.75 -14.23
CA VAL C 193 8.26 1.69 -13.17
C VAL C 193 8.40 0.98 -11.83
N PRO C 194 9.22 1.52 -10.92
CA PRO C 194 9.47 0.82 -9.65
C PRO C 194 8.29 0.91 -8.69
N ALA C 195 8.25 -0.04 -7.76
CA ALA C 195 7.14 -0.15 -6.82
C ALA C 195 6.94 1.12 -6.01
N ASN C 196 8.01 1.91 -5.81
CA ASN C 196 7.84 3.11 -5.00
C ASN C 196 6.88 4.12 -5.63
N GLN C 197 6.54 3.96 -6.91
CA GLN C 197 5.61 4.86 -7.58
C GLN C 197 4.15 4.48 -7.37
N PHE C 198 3.87 3.35 -6.74
CA PHE C 198 2.52 2.83 -6.62
C PHE C 198 2.01 2.95 -5.19
N SER C 199 0.69 3.03 -5.06
CA SER C 199 -0.03 2.81 -3.81
C SER C 199 -0.99 1.66 -4.04
N TRP C 200 -1.57 1.16 -2.94
CA TRP C 200 -2.52 0.06 -3.04
C TRP C 200 -3.36 0.01 -1.78
N HIS C 201 -4.48 -0.71 -1.87
CA HIS C 201 -5.39 -0.87 -0.74
C HIS C 201 -6.22 -2.11 -0.95
N PRO C 202 -6.80 -2.66 0.11
CA PRO C 202 -7.76 -3.77 -0.05
C PRO C 202 -8.99 -3.31 -0.78
N VAL C 203 -9.58 -4.22 -1.57
CA VAL C 203 -10.87 -3.97 -2.19
C VAL C 203 -11.83 -5.10 -1.82
N SER C 204 -13.09 -4.93 -2.19
CA SER C 204 -14.13 -5.91 -1.91
C SER C 204 -13.78 -7.25 -2.54
N ARG C 205 -14.13 -8.34 -1.85
CA ARG C 205 -13.91 -9.65 -2.47
C ARG C 205 -14.78 -9.90 -3.70
N ALA C 206 -15.78 -9.04 -3.95
CA ALA C 206 -16.64 -9.21 -5.12
C ALA C 206 -15.86 -9.21 -6.42
N VAL C 207 -14.69 -8.57 -6.46
CA VAL C 207 -13.93 -8.53 -7.72
C VAL C 207 -13.47 -9.92 -8.15
N GLY C 208 -13.37 -10.87 -7.23
CA GLY C 208 -12.95 -12.22 -7.60
C GLY C 208 -13.81 -12.82 -8.70
N ASN C 209 -15.13 -12.63 -8.60
CA ASN C 209 -16.06 -13.17 -9.57
C ASN C 209 -16.06 -12.28 -10.82
N VAL C 210 -15.67 -12.85 -11.97
CA VAL C 210 -15.58 -12.07 -13.19
C VAL C 210 -16.92 -11.55 -13.69
N LYS C 211 -18.05 -12.01 -13.13
CA LYS C 211 -19.34 -11.46 -13.55
C LYS C 211 -19.62 -10.10 -12.90
N ASN C 212 -18.92 -9.76 -11.81
CA ASN C 212 -19.14 -8.49 -11.14
C ASN C 212 -18.36 -7.39 -11.87
N GLN C 213 -19.03 -6.26 -12.15
CA GLN C 213 -18.38 -5.25 -12.98
C GLN C 213 -18.60 -3.82 -12.50
N GLY C 214 -19.04 -3.61 -11.27
CA GLY C 214 -19.35 -2.26 -10.82
C GLY C 214 -18.11 -1.41 -10.59
N ALA C 215 -18.32 -0.08 -10.69
CA ALA C 215 -17.27 0.89 -10.40
C ALA C 215 -16.71 0.77 -8.97
N GLU C 216 -17.47 0.21 -8.05
CA GLU C 216 -16.98 0.10 -6.68
C GLU C 216 -15.86 -0.94 -6.53
N LEU C 217 -15.63 -1.78 -7.55
CA LEU C 217 -14.66 -2.87 -7.38
C LEU C 217 -13.23 -2.37 -7.18
N ILE C 218 -12.92 -1.14 -7.59
CA ILE C 218 -11.57 -0.59 -7.35
C ILE C 218 -11.50 0.24 -6.09
N GLN C 219 -12.61 0.44 -5.40
CA GLN C 219 -12.49 1.40 -4.31
C GLN C 219 -12.10 0.72 -3.00
N PRO C 220 -11.47 1.45 -2.09
CA PRO C 220 -10.93 0.81 -0.88
C PRO C 220 -12.02 0.36 0.07
N VAL C 221 -11.76 -0.75 0.76
CA VAL C 221 -12.70 -1.23 1.76
C VAL C 221 -11.96 -1.50 3.07
N LEU C 222 -12.71 -1.37 4.16
CA LEU C 222 -12.25 -1.65 5.52
C LEU C 222 -13.21 -2.68 6.08
N GLU C 223 -12.75 -3.92 6.17
CA GLU C 223 -13.62 -5.01 6.62
C GLU C 223 -13.11 -5.63 7.93
N CYS E 1 3.83 9.00 12.54
CA CYS E 1 3.64 8.50 13.91
C CYS E 1 3.15 9.67 14.79
N GLY E 2 2.46 10.60 14.14
CA GLY E 2 2.02 11.79 14.81
C GLY E 2 0.51 11.93 14.87
N ARG E 3 -0.21 10.83 14.72
CA ARG E 3 -1.67 10.83 14.78
C ARG E 3 -2.16 9.39 14.77
N PHE E 4 -3.21 9.09 15.54
CA PHE E 4 -3.77 7.74 15.53
C PHE E 4 -5.21 7.80 16.04
N ALA E 5 -5.88 6.65 15.97
CA ALA E 5 -7.25 6.50 16.42
C ALA E 5 -7.28 5.58 17.62
N GLN E 6 -8.07 5.96 18.64
CA GLN E 6 -8.26 5.17 19.86
C GLN E 6 -9.76 5.26 20.18
N SER E 7 -10.55 4.40 19.52
CA SER E 7 -11.99 4.56 19.51
C SER E 7 -12.77 3.47 20.23
N GLN E 8 -12.17 2.33 20.54
CA GLN E 8 -12.96 1.22 21.06
C GLN E 8 -13.08 1.32 22.58
N THR E 9 -13.69 0.30 23.18
CA THR E 9 -13.79 0.25 24.63
C THR E 9 -12.49 -0.27 25.22
N ARG E 10 -12.27 0.09 26.50
CA ARG E 10 -11.09 -0.39 27.20
C ARG E 10 -10.98 -1.91 27.13
N GLU E 11 -12.11 -2.62 27.27
CA GLU E 11 -12.08 -4.08 27.20
C GLU E 11 -11.58 -4.56 25.84
N ASP E 12 -11.96 -3.87 24.76
CA ASP E 12 -11.49 -4.26 23.42
C ASP E 12 -9.97 -4.24 23.35
N TYR E 13 -9.34 -3.29 24.03
CA TYR E 13 -7.88 -3.20 24.00
C TYR E 13 -7.21 -4.10 25.04
N LEU E 14 -7.80 -4.23 26.23
CA LEU E 14 -7.12 -4.96 27.30
C LEU E 14 -7.29 -6.47 27.18
N ALA E 15 -8.33 -6.94 26.47
CA ALA E 15 -8.60 -8.38 26.42
C ALA E 15 -7.38 -9.17 25.95
N LEU E 16 -6.60 -8.61 25.04
CA LEU E 16 -5.47 -9.33 24.50
C LEU E 16 -4.26 -9.30 25.42
N LEU E 17 -4.26 -8.44 26.43
CA LEU E 17 -3.07 -8.22 27.25
C LEU E 17 -3.18 -8.83 28.64
N ALA E 18 -4.36 -8.82 29.25
CA ALA E 18 -4.47 -9.26 30.63
C ALA E 18 -5.92 -9.48 30.99
N GLU E 19 -6.19 -10.50 31.81
CA GLU E 19 -7.52 -10.72 32.35
C GLU E 19 -7.83 -9.67 33.42
N ASP E 20 -9.12 -9.59 33.79
CA ASP E 20 -9.57 -8.57 34.75
C ASP E 20 -8.80 -8.60 36.05
N ILE E 21 -8.47 -9.80 36.54
CA ILE E 21 -7.80 -9.96 37.82
C ILE E 21 -6.46 -9.22 37.84
N GLU E 22 -5.87 -8.99 36.66
CA GLU E 22 -4.56 -8.34 36.57
C GLU E 22 -4.66 -6.85 36.28
N ARG E 23 -5.86 -6.31 36.15
CA ARG E 23 -6.11 -4.91 35.91
C ARG E 23 -6.49 -4.19 37.20
N ASP E 24 -6.11 -2.93 37.32
CA ASP E 24 -6.63 -2.02 38.35
C ASP E 24 -7.18 -0.81 37.61
N ILE E 25 -8.32 -1.00 36.94
CA ILE E 25 -8.88 -0.01 36.03
C ILE E 25 -10.37 0.05 36.33
N PRO E 26 -10.90 1.22 36.71
CA PRO E 26 -12.35 1.31 36.93
C PRO E 26 -13.11 0.94 35.66
N TYR E 27 -14.20 0.20 35.85
CA TYR E 27 -14.86 -0.42 34.71
C TYR E 27 -15.61 0.61 33.88
N ASP E 28 -15.50 0.47 32.55
CA ASP E 28 -16.18 1.33 31.60
C ASP E 28 -16.50 0.56 30.32
N PRO E 29 -17.78 0.36 30.01
CA PRO E 29 -18.15 -0.38 28.79
C PRO E 29 -18.28 0.48 27.55
N GLU E 30 -18.11 1.80 27.67
CA GLU E 30 -18.27 2.86 26.69
C GLU E 30 -16.99 3.04 25.88
N PRO E 31 -17.12 3.16 24.56
CA PRO E 31 -15.92 3.35 23.71
C PRO E 31 -15.22 4.67 24.00
N ILE E 32 -13.89 4.63 23.87
CA ILE E 32 -13.10 5.85 24.08
C ILE E 32 -13.45 6.89 23.03
N GLY E 33 -13.69 6.45 21.80
CA GLY E 33 -14.33 7.28 20.79
C GLY E 33 -13.47 8.33 20.13
N ARG E 34 -12.13 8.24 20.25
CA ARG E 34 -11.24 9.23 19.64
C ARG E 34 -10.71 8.70 18.33
N TYR E 35 -11.06 9.36 17.22
CA TYR E 35 -10.59 8.92 15.91
C TYR E 35 -9.46 9.79 15.36
N ASN E 36 -9.06 10.86 16.06
CA ASN E 36 -8.04 11.76 15.56
C ASN E 36 -7.24 12.23 16.79
N VAL E 37 -6.52 11.29 17.41
CA VAL E 37 -5.75 11.58 18.61
C VAL E 37 -4.51 12.39 18.22
N ALA E 38 -4.37 13.60 18.81
CA ALA E 38 -3.37 14.57 18.43
C ALA E 38 -2.31 14.77 19.49
N PRO E 39 -1.07 14.98 19.07
CA PRO E 39 -0.01 15.42 19.99
C PRO E 39 -0.46 16.58 20.86
N GLY E 40 0.07 16.62 22.09
CA GLY E 40 -0.27 17.70 22.97
C GLY E 40 -1.58 17.55 23.70
N THR E 41 -2.29 16.45 23.51
CA THR E 41 -3.46 16.14 24.31
C THR E 41 -3.13 15.06 25.33
N LYS E 42 -4.01 14.93 26.34
CA LYS E 42 -3.89 13.80 27.26
C LYS E 42 -4.47 12.58 26.59
N VAL E 43 -3.74 11.46 26.69
CA VAL E 43 -4.10 10.21 26.05
C VAL E 43 -4.08 9.11 27.09
N LEU E 44 -5.09 8.25 27.06
CA LEU E 44 -5.11 7.09 27.94
C LEU E 44 -3.90 6.22 27.62
N LEU E 45 -3.04 6.02 28.63
CA LEU E 45 -1.77 5.31 28.49
C LEU E 45 -1.75 4.13 29.46
N LEU E 46 -1.35 2.96 28.97
CA LEU E 46 -1.34 1.73 29.75
C LEU E 46 0.04 1.47 30.35
N SER E 47 0.08 1.13 31.65
CA SER E 47 1.37 0.85 32.27
C SER E 47 1.18 -0.12 33.42
N GLU E 48 2.29 -0.65 33.91
CA GLU E 48 2.25 -1.57 35.04
C GLU E 48 2.85 -0.92 36.28
N ARG E 49 2.09 -0.95 37.39
CA ARG E 49 2.64 -0.59 38.68
C ARG E 49 1.85 -1.34 39.74
N ASP E 50 2.53 -1.66 40.86
CA ASP E 50 1.92 -2.41 41.95
C ASP E 50 1.30 -3.72 41.45
N GLU E 51 2.04 -4.41 40.58
CA GLU E 51 1.69 -5.74 40.05
C GLU E 51 0.39 -5.73 39.23
N HIS E 52 -0.10 -4.57 38.82
CA HIS E 52 -1.35 -4.51 38.07
C HIS E 52 -1.21 -3.54 36.90
N LEU E 53 -2.07 -3.71 35.92
CA LEU E 53 -2.12 -2.80 34.77
C LEU E 53 -3.04 -1.64 35.11
N HIS E 54 -2.55 -0.44 34.84
CA HIS E 54 -3.25 0.81 35.09
C HIS E 54 -3.39 1.59 33.80
N LEU E 55 -4.47 2.37 33.70
CA LEU E 55 -4.73 3.23 32.56
C LEU E 55 -4.85 4.66 33.06
N ASP E 56 -3.90 5.53 32.67
CA ASP E 56 -3.88 6.92 33.11
C ASP E 56 -3.89 7.85 31.91
N PRO E 57 -4.58 8.99 32.00
CA PRO E 57 -4.47 9.99 30.93
C PRO E 57 -3.16 10.75 31.09
N VAL E 58 -2.32 10.67 30.07
CA VAL E 58 -0.97 11.23 30.09
C VAL E 58 -0.78 12.11 28.87
N PHE E 59 -0.17 13.27 29.11
CA PHE E 59 0.20 14.22 28.06
C PHE E 59 1.07 13.54 27.01
N TRP E 60 0.67 13.66 25.74
CA TRP E 60 1.49 13.13 24.64
C TRP E 60 2.46 14.23 24.25
N GLY E 61 3.69 14.12 24.74
CA GLY E 61 4.71 15.14 24.59
C GLY E 61 5.65 15.05 25.78
N TYR E 62 6.88 15.51 25.58
CA TYR E 62 7.88 15.41 26.63
C TYR E 62 8.81 16.61 26.53
N ALA E 63 8.76 17.49 27.53
CA ALA E 63 9.62 18.67 27.56
C ALA E 63 9.99 18.95 29.00
N PRO E 64 11.12 18.43 29.46
CA PRO E 64 11.61 18.81 30.80
C PRO E 64 11.86 20.31 30.87
N GLY E 65 12.00 20.79 32.10
CA GLY E 65 12.23 22.21 32.31
C GLY E 65 13.42 22.75 31.55
N TRP E 66 14.47 21.95 31.41
CA TRP E 66 15.70 22.37 30.73
C TRP E 66 15.59 22.31 29.20
N TRP E 67 14.55 21.67 28.67
CA TRP E 67 14.35 21.56 27.23
C TRP E 67 13.72 22.84 26.70
N ASP E 68 14.42 23.52 25.79
CA ASP E 68 14.04 24.84 25.30
C ASP E 68 13.37 24.79 23.93
N LYS E 69 12.81 23.66 23.54
CA LYS E 69 12.25 23.43 22.21
C LYS E 69 10.86 22.84 22.37
N PRO E 70 10.10 22.72 21.29
CA PRO E 70 8.77 22.12 21.41
C PRO E 70 8.86 20.72 21.98
N PRO E 71 7.86 20.30 22.74
CA PRO E 71 7.92 18.97 23.35
C PRO E 71 8.06 17.91 22.28
N LEU E 72 8.87 16.90 22.58
CA LEU E 72 9.04 15.75 21.69
C LEU E 72 7.89 14.78 21.87
N ILE E 73 7.46 14.18 20.76
CA ILE E 73 6.34 13.23 20.78
C ILE E 73 6.74 11.82 20.35
N ASN E 74 7.93 11.65 19.78
CA ASN E 74 8.44 10.36 19.36
C ASN E 74 9.87 10.19 19.86
N ALA E 75 10.28 8.94 20.05
CA ALA E 75 11.66 8.59 20.38
C ALA E 75 12.10 7.47 19.45
N ARG E 76 13.23 7.65 18.77
CA ARG E 76 13.65 6.68 17.77
C ARG E 76 14.28 5.46 18.44
N VAL E 77 13.79 4.26 18.08
CA VAL E 77 14.29 3.04 18.69
C VAL E 77 15.78 2.84 18.41
N GLU E 78 16.31 3.46 17.34
CA GLU E 78 17.72 3.31 17.01
C GLU E 78 18.60 3.83 18.14
N THR E 79 18.12 4.82 18.90
CA THR E 79 18.97 5.55 19.83
C THR E 79 18.37 5.74 21.22
N ALA E 80 17.07 5.48 21.42
CA ALA E 80 16.40 5.99 22.62
C ALA E 80 16.94 5.35 23.90
N ALA E 81 17.30 4.06 23.87
CA ALA E 81 17.67 3.38 25.12
C ALA E 81 18.97 3.94 25.70
N THR E 82 19.83 4.52 24.87
CA THR E 82 21.13 5.04 25.28
C THR E 82 21.20 6.56 25.24
N SER E 83 20.14 7.23 24.78
CA SER E 83 20.08 8.68 24.71
C SER E 83 20.19 9.30 26.11
N ARG E 84 21.00 10.36 26.24
CA ARG E 84 21.05 11.02 27.55
C ARG E 84 19.68 11.51 27.99
N MET E 85 18.83 11.89 27.04
CA MET E 85 17.50 12.37 27.36
C MET E 85 16.55 11.21 27.69
N PHE E 86 16.53 10.17 26.87
CA PHE E 86 15.48 9.16 26.98
C PHE E 86 15.85 7.95 27.83
N LYS E 87 17.12 7.77 28.16
CA LYS E 87 17.54 6.56 28.87
C LYS E 87 16.78 6.31 30.18
N PRO E 88 16.52 7.30 31.05
CA PRO E 88 15.73 6.99 32.25
C PRO E 88 14.30 6.56 31.94
N LEU E 89 13.73 7.08 30.85
CA LEU E 89 12.38 6.71 30.44
C LEU E 89 12.34 5.30 29.88
N TRP E 90 13.38 4.92 29.13
CA TRP E 90 13.50 3.55 28.65
C TRP E 90 13.64 2.57 29.82
N GLN E 91 14.30 3.00 30.90
CA GLN E 91 14.55 2.09 32.02
C GLN E 91 13.33 1.96 32.92
N HIS E 92 12.73 3.08 33.31
CA HIS E 92 11.71 3.10 34.34
C HIS E 92 10.33 3.50 33.83
N GLY E 93 10.24 4.03 32.62
CA GLY E 93 8.97 4.61 32.19
C GLY E 93 8.35 3.99 30.95
N ARG E 94 8.54 2.70 30.75
CA ARG E 94 7.93 2.04 29.61
C ARG E 94 6.43 1.90 29.83
N ALA E 95 5.69 2.01 28.72
CA ALA E 95 4.24 1.99 28.72
C ALA E 95 3.78 1.51 27.35
N ILE E 96 2.48 1.26 27.24
CA ILE E 96 1.85 0.92 25.96
C ILE E 96 0.77 1.95 25.67
N CYS E 97 0.75 2.44 24.44
CA CYS E 97 -0.36 3.25 23.93
C CYS E 97 -1.13 2.39 22.94
N PHE E 98 -2.34 1.99 23.29
CA PHE E 98 -3.06 1.15 22.35
C PHE E 98 -3.91 2.00 21.40
N ALA E 99 -4.24 1.41 20.25
CA ALA E 99 -4.88 2.17 19.17
C ALA E 99 -5.53 1.22 18.18
N ASP E 100 -6.45 1.76 17.38
CA ASP E 100 -7.04 1.00 16.29
C ASP E 100 -6.15 0.93 15.07
N GLY E 101 -5.20 1.84 14.98
CA GLY E 101 -4.39 2.05 13.80
C GLY E 101 -3.92 3.49 13.85
N TRP E 102 -3.11 3.86 12.86
CA TRP E 102 -2.53 5.20 12.87
C TRP E 102 -2.57 5.81 11.48
N PHE E 103 -2.34 7.14 11.42
CA PHE E 103 -2.41 7.89 10.19
C PHE E 103 -1.02 8.28 9.71
N GLU E 104 -0.84 8.23 8.39
CA GLU E 104 0.35 8.82 7.78
C GLU E 104 -0.07 9.56 6.52
N TRP E 105 0.68 10.61 6.20
CA TRP E 105 0.38 11.47 5.05
C TRP E 105 1.44 11.24 3.99
N LYS E 106 1.02 10.62 2.87
CA LYS E 106 1.93 10.38 1.76
C LYS E 106 2.14 11.64 0.95
N LYS E 107 3.40 12.01 0.73
CA LYS E 107 3.72 13.16 -0.09
C LYS E 107 3.61 12.78 -1.57
N GLU E 108 2.76 13.50 -2.30
CA GLU E 108 2.58 13.29 -3.74
C GLU E 108 2.71 14.66 -4.41
N GLY E 109 3.83 14.89 -5.06
CA GLY E 109 4.13 16.23 -5.54
C GLY E 109 4.24 17.18 -4.37
N ASP E 110 3.40 18.21 -4.37
CA ASP E 110 3.32 19.15 -3.25
C ASP E 110 2.02 18.98 -2.46
N LYS E 111 1.39 17.82 -2.56
CA LYS E 111 0.17 17.50 -1.82
C LYS E 111 0.38 16.22 -1.03
N LYS E 112 -0.52 16.00 -0.05
CA LYS E 112 -0.41 14.88 0.88
C LYS E 112 -1.73 14.12 0.93
N GLN E 113 -1.67 12.80 0.71
CA GLN E 113 -2.84 11.95 0.86
C GLN E 113 -2.74 11.23 2.20
N PRO E 114 -3.67 11.43 3.12
CA PRO E 114 -3.61 10.69 4.38
C PRO E 114 -4.07 9.25 4.19
N PHE E 115 -3.39 8.35 4.89
CA PHE E 115 -3.75 6.93 4.96
C PHE E 115 -4.03 6.53 6.41
N PHE E 116 -4.96 5.61 6.57
CA PHE E 116 -5.15 4.90 7.84
C PHE E 116 -4.56 3.50 7.71
N ILE E 117 -3.72 3.14 8.68
CA ILE E 117 -2.94 1.90 8.67
C ILE E 117 -3.37 1.08 9.88
N TYR E 118 -3.68 -0.19 9.67
CA TYR E 118 -4.25 -1.02 10.73
C TYR E 118 -3.87 -2.48 10.48
N ARG E 119 -4.03 -3.31 11.51
CA ARG E 119 -3.74 -4.73 11.38
C ARG E 119 -4.82 -5.42 10.54
N ALA E 120 -4.38 -6.18 9.55
CA ALA E 120 -5.31 -6.93 8.70
C ALA E 120 -6.11 -7.95 9.49
N ASP E 121 -5.53 -8.49 10.57
CA ASP E 121 -6.26 -9.48 11.36
C ASP E 121 -7.30 -8.85 12.29
N GLY E 122 -7.44 -7.53 12.28
CA GLY E 122 -8.46 -6.88 13.06
C GLY E 122 -8.12 -6.63 14.52
N GLN E 123 -6.94 -7.07 14.97
CA GLN E 123 -6.51 -6.77 16.33
C GLN E 123 -6.14 -5.31 16.46
N PRO E 124 -6.36 -4.70 17.62
CA PRO E 124 -5.80 -3.37 17.87
C PRO E 124 -4.27 -3.45 17.89
N ILE E 125 -3.65 -2.29 17.74
CA ILE E 125 -2.19 -2.22 17.79
C ILE E 125 -1.77 -1.76 19.17
N PHE E 126 -0.61 -2.24 19.61
CA PHE E 126 0.00 -1.87 20.89
C PHE E 126 1.30 -1.17 20.57
N MET E 127 1.29 0.17 20.65
CA MET E 127 2.48 0.95 20.34
C MET E 127 3.35 1.07 21.58
N ALA E 128 4.65 0.77 21.41
CA ALA E 128 5.61 0.96 22.49
C ALA E 128 5.74 2.44 22.81
N ALA E 129 5.66 2.77 24.10
CA ALA E 129 5.84 4.13 24.58
C ALA E 129 6.83 4.16 25.73
N ILE E 130 7.44 5.34 25.92
CA ILE E 130 8.25 5.63 27.11
C ILE E 130 7.82 6.99 27.64
N GLY E 131 7.97 7.18 28.95
CA GLY E 131 7.47 8.42 29.51
C GLY E 131 7.98 8.66 30.91
N SER E 132 7.55 9.79 31.46
CA SER E 132 8.01 10.27 32.77
C SER E 132 7.12 9.70 33.87
N THR E 133 7.69 8.80 34.70
CA THR E 133 6.94 8.32 35.84
C THR E 133 7.17 9.24 37.04
N PRO E 134 6.19 9.36 37.97
CA PRO E 134 4.89 8.68 38.01
C PRO E 134 3.90 9.22 36.98
N PHE E 135 3.35 8.32 36.16
CA PHE E 135 2.37 8.74 35.16
C PHE E 135 1.14 9.35 35.78
N GLU E 136 0.75 8.88 36.97
CA GLU E 136 -0.51 9.29 37.56
C GLU E 136 -0.52 10.73 38.06
N ARG E 137 0.63 11.44 38.06
CA ARG E 137 0.68 12.78 38.59
C ARG E 137 0.11 13.84 37.66
N GLY E 138 -0.25 13.48 36.43
CA GLY E 138 -0.86 14.42 35.49
C GLY E 138 0.03 15.57 35.08
N ASP E 139 1.30 15.30 34.77
CA ASP E 139 2.21 16.37 34.41
C ASP E 139 1.79 17.01 33.08
N GLU E 140 1.89 18.34 33.03
CA GLU E 140 1.47 19.06 31.84
C GLU E 140 2.55 19.12 30.76
N ALA E 141 3.80 18.78 31.09
CA ALA E 141 4.90 18.96 30.16
C ALA E 141 5.72 17.70 29.94
N GLU E 142 5.84 16.84 30.96
CA GLU E 142 6.66 15.63 30.89
C GLU E 142 5.70 14.45 30.91
N GLY E 143 5.32 14.01 29.71
CA GLY E 143 4.34 12.95 29.52
C GLY E 143 4.97 11.75 28.87
N PHE E 144 4.46 11.30 27.73
CA PHE E 144 5.01 10.14 27.06
C PHE E 144 5.32 10.44 25.60
N LEU E 145 6.14 9.56 25.03
CA LEU E 145 6.50 9.55 23.63
C LEU E 145 6.16 8.19 23.05
N ILE E 146 5.79 8.17 21.76
CA ILE E 146 5.63 6.92 21.03
C ILE E 146 6.97 6.56 20.39
N VAL E 147 7.46 5.36 20.68
CA VAL E 147 8.71 4.90 20.06
C VAL E 147 8.48 4.62 18.59
N THR E 148 9.43 5.01 17.75
CA THR E 148 9.35 4.82 16.31
C THR E 148 10.48 3.92 15.80
N ALA E 149 10.25 3.36 14.61
CA ALA E 149 11.22 2.52 13.93
C ALA E 149 11.28 2.92 12.46
N ALA E 150 12.31 2.42 11.76
CA ALA E 150 12.37 2.57 10.31
C ALA E 150 11.20 1.87 9.64
N ALA E 151 10.52 2.57 8.73
CA ALA E 151 9.46 1.95 7.96
C ALA E 151 10.03 0.84 7.08
N ASP E 152 9.26 -0.23 6.94
CA ASP E 152 9.66 -1.40 6.15
C ASP E 152 8.65 -1.63 5.03
N GLN E 153 9.14 -2.18 3.92
CA GLN E 153 8.30 -2.63 2.80
C GLN E 153 7.47 -1.45 2.29
N GLY E 154 6.17 -1.62 2.03
CA GLY E 154 5.38 -0.58 1.39
C GLY E 154 5.15 0.64 2.25
N LEU E 155 5.33 0.51 3.56
CA LEU E 155 5.18 1.67 4.44
C LEU E 155 6.20 2.75 4.11
N VAL E 156 7.38 2.38 3.61
CA VAL E 156 8.45 3.37 3.41
C VAL E 156 8.03 4.46 2.42
N ASP E 157 7.20 4.13 1.44
CA ASP E 157 6.80 5.12 0.47
C ASP E 157 5.63 5.98 0.97
N ILE E 158 5.00 5.59 2.07
CA ILE E 158 4.07 6.48 2.74
C ILE E 158 4.82 7.43 3.66
N HIS E 159 5.74 6.89 4.47
CA HIS E 159 6.59 7.70 5.34
C HIS E 159 7.82 6.88 5.73
N ASP E 160 8.94 7.58 5.93
CA ASP E 160 10.19 6.93 6.31
C ASP E 160 10.14 6.27 7.69
N ARG E 161 9.25 6.72 8.56
CA ARG E 161 9.18 6.23 9.93
C ARG E 161 7.84 5.55 10.17
N ARG E 162 7.78 4.76 11.24
CA ARG E 162 6.55 4.08 11.64
C ARG E 162 6.57 3.93 13.15
N PRO E 163 5.42 3.80 13.79
CA PRO E 163 5.43 3.44 15.22
C PRO E 163 5.97 2.03 15.43
N LEU E 164 6.71 1.87 16.53
CA LEU E 164 7.11 0.55 17.00
C LEU E 164 5.88 -0.15 17.56
N VAL E 165 5.31 -1.07 16.79
CA VAL E 165 4.11 -1.80 17.21
C VAL E 165 4.55 -3.16 17.73
N LEU E 166 4.05 -3.55 18.89
CA LEU E 166 4.44 -4.82 19.50
C LEU E 166 3.29 -5.83 19.45
N SER E 167 3.66 -7.10 19.37
CA SER E 167 2.67 -8.15 19.52
C SER E 167 2.05 -8.06 20.92
N PRO E 168 0.83 -8.56 21.10
CA PRO E 168 0.24 -8.58 22.46
C PRO E 168 1.17 -9.14 23.52
N GLU E 169 1.87 -10.25 23.22
CA GLU E 169 2.78 -10.82 24.22
C GLU E 169 3.97 -9.91 24.47
N ALA E 170 4.56 -9.36 23.40
CA ALA E 170 5.68 -8.45 23.58
C ALA E 170 5.26 -7.18 24.28
N ALA E 171 4.03 -6.70 24.01
CA ALA E 171 3.55 -5.52 24.72
C ALA E 171 3.43 -5.77 26.21
N ARG E 172 2.94 -6.95 26.60
CA ARG E 172 2.83 -7.23 28.02
C ARG E 172 4.21 -7.29 28.68
N GLU E 173 5.19 -7.92 28.02
CA GLU E 173 6.55 -8.01 28.54
C GLU E 173 7.18 -6.63 28.68
N TRP E 174 7.01 -5.80 27.65
CA TRP E 174 7.55 -4.44 27.62
C TRP E 174 7.18 -3.64 28.87
N MET E 175 5.93 -3.77 29.32
CA MET E 175 5.46 -3.00 30.47
C MET E 175 5.99 -3.49 31.80
N ARG E 176 6.50 -4.73 31.87
CA ARG E 176 6.83 -5.31 33.17
C ARG E 176 7.93 -4.52 33.87
N GLN E 177 7.68 -4.14 35.12
CA GLN E 177 8.69 -3.36 35.84
C GLN E 177 9.94 -4.17 36.15
N GLU E 178 9.82 -5.50 36.21
CA GLU E 178 10.95 -6.37 36.48
C GLU E 178 11.88 -6.51 35.28
N ILE E 179 11.41 -6.17 34.10
CA ILE E 179 12.21 -6.28 32.87
C ILE E 179 13.17 -5.08 32.80
N SER E 180 14.45 -5.36 32.61
CA SER E 180 15.43 -4.29 32.51
C SER E 180 15.29 -3.57 31.17
N GLY E 181 15.95 -2.40 31.09
CA GLY E 181 16.03 -1.72 29.80
C GLY E 181 16.76 -2.55 28.76
N LYS E 182 17.77 -3.30 29.19
CA LYS E 182 18.46 -4.21 28.27
C LYS E 182 17.50 -5.26 27.72
N GLU E 183 16.74 -5.91 28.60
CA GLU E 183 15.74 -6.86 28.13
C GLU E 183 14.67 -6.18 27.29
N ALA E 184 14.32 -4.94 27.62
CA ALA E 184 13.33 -4.21 26.82
C ALA E 184 13.86 -3.93 25.41
N SER E 185 15.17 -3.68 25.29
CA SER E 185 15.74 -3.48 23.96
C SER E 185 15.66 -4.76 23.14
N GLU E 186 15.80 -5.91 23.79
CA GLU E 186 15.66 -7.20 23.11
C GLU E 186 14.22 -7.41 22.66
N ILE E 187 13.26 -7.06 23.52
CA ILE E 187 11.85 -7.15 23.15
C ILE E 187 11.53 -6.26 21.96
N ALA E 188 11.99 -5.00 22.02
CA ALA E 188 11.77 -4.07 20.93
C ALA E 188 12.37 -4.57 19.61
N ALA E 189 13.51 -5.26 19.68
CA ALA E 189 14.14 -5.74 18.46
C ALA E 189 13.43 -6.98 17.91
N SER E 190 13.10 -7.93 18.76
CA SER E 190 12.48 -9.15 18.28
C SER E 190 10.97 -9.01 18.06
N GLY E 191 10.33 -8.07 18.73
CA GLY E 191 8.87 -8.02 18.80
C GLY E 191 8.17 -7.03 17.89
N CYS E 192 8.89 -6.27 17.07
CA CYS E 192 8.24 -5.30 16.19
C CYS E 192 7.38 -6.00 15.14
N VAL E 193 6.13 -5.59 15.04
CA VAL E 193 5.23 -6.24 14.08
C VAL E 193 5.60 -5.81 12.66
N PRO E 194 5.85 -6.75 11.75
CA PRO E 194 6.25 -6.39 10.39
C PRO E 194 5.14 -5.73 9.58
N ALA E 195 5.56 -4.93 8.59
CA ALA E 195 4.62 -4.22 7.72
C ALA E 195 3.58 -5.14 7.09
N ASN E 196 3.96 -6.37 6.74
CA ASN E 196 3.03 -7.25 6.04
C ASN E 196 1.83 -7.62 6.89
N GLN E 197 1.87 -7.39 8.21
CA GLN E 197 0.72 -7.61 9.06
C GLN E 197 -0.31 -6.49 8.96
N PHE E 198 0.03 -5.38 8.28
CA PHE E 198 -0.84 -4.22 8.19
C PHE E 198 -1.43 -4.07 6.79
N SER E 199 -2.62 -3.50 6.73
CA SER E 199 -3.22 -3.01 5.51
C SER E 199 -3.46 -1.52 5.68
N TRP E 200 -3.80 -0.85 4.58
CA TRP E 200 -3.97 0.59 4.69
C TRP E 200 -4.79 1.10 3.52
N HIS E 201 -5.40 2.26 3.71
CA HIS E 201 -6.27 2.82 2.69
C HIS E 201 -6.32 4.33 2.83
N PRO E 202 -6.55 5.05 1.74
CA PRO E 202 -6.71 6.51 1.83
C PRO E 202 -7.97 6.87 2.59
N VAL E 203 -7.88 7.91 3.40
CA VAL E 203 -9.01 8.45 4.15
C VAL E 203 -9.25 9.89 3.72
N SER E 204 -10.37 10.46 4.18
CA SER E 204 -10.68 11.84 3.88
C SER E 204 -9.57 12.78 4.39
N ARG E 205 -9.37 13.88 3.66
CA ARG E 205 -8.37 14.84 4.12
C ARG E 205 -8.79 15.60 5.37
N ALA E 206 -10.03 15.44 5.83
CA ALA E 206 -10.49 16.13 7.04
C ALA E 206 -9.72 15.72 8.29
N VAL E 207 -9.06 14.55 8.27
CA VAL E 207 -8.30 14.12 9.43
C VAL E 207 -7.10 15.03 9.71
N GLY E 208 -6.62 15.78 8.72
CA GLY E 208 -5.49 16.66 8.96
C GLY E 208 -5.73 17.66 10.08
N ASN E 209 -6.91 18.27 10.09
CA ASN E 209 -7.29 19.26 11.09
C ASN E 209 -7.68 18.57 12.39
N VAL E 210 -6.93 18.85 13.47
CA VAL E 210 -7.18 18.17 14.74
C VAL E 210 -8.53 18.51 15.36
N LYS E 211 -9.21 19.55 14.88
CA LYS E 211 -10.56 19.83 15.41
C LYS E 211 -11.57 18.80 14.94
N ASN E 212 -11.27 18.06 13.89
CA ASN E 212 -12.20 17.06 13.37
C ASN E 212 -12.00 15.75 14.12
N GLN E 213 -13.11 15.12 14.56
CA GLN E 213 -13.00 13.97 15.44
C GLN E 213 -13.99 12.83 15.14
N GLY E 214 -14.70 12.86 14.04
CA GLY E 214 -15.74 11.85 13.83
C GLY E 214 -15.22 10.47 13.46
N ALA E 215 -16.11 9.47 13.65
CA ALA E 215 -15.81 8.10 13.24
C ALA E 215 -15.55 7.97 11.75
N GLU E 216 -16.06 8.89 10.92
CA GLU E 216 -15.83 8.79 9.49
C GLU E 216 -14.36 9.00 9.11
N LEU E 217 -13.55 9.53 10.03
CA LEU E 217 -12.17 9.87 9.65
C LEU E 217 -11.31 8.65 9.35
N ILE E 218 -11.67 7.48 9.89
CA ILE E 218 -10.90 6.27 9.56
C ILE E 218 -11.49 5.50 8.38
N GLN E 219 -12.64 5.91 7.85
CA GLN E 219 -13.27 5.16 6.77
C GLN E 219 -12.57 5.40 5.43
N PRO E 220 -12.54 4.38 4.58
CA PRO E 220 -11.97 4.57 3.23
C PRO E 220 -12.75 5.59 2.44
N VAL E 221 -12.04 6.39 1.64
CA VAL E 221 -12.73 7.28 0.73
C VAL E 221 -13.54 6.45 -0.27
N LEU E 222 -14.66 7.02 -0.71
CA LEU E 222 -15.48 6.33 -1.70
C LEU E 222 -14.88 6.43 -3.10
N GLU E 223 -13.97 7.37 -3.31
CA GLU E 223 -13.24 7.49 -4.56
C GLU E 223 -11.89 8.13 -4.26
N VAL E 224 -10.81 7.48 -4.67
CA VAL E 224 -9.49 8.07 -4.51
C VAL E 224 -9.34 9.23 -5.49
N LEU E 225 -8.99 10.40 -4.96
CA LEU E 225 -8.83 11.60 -5.77
C LEU E 225 -7.36 12.00 -5.83
N PHE E 226 -7.00 12.76 -6.87
CA PHE E 226 -5.61 13.17 -7.08
C PHE E 226 -5.51 14.66 -7.42
N CYS G 1 -8.97 -34.75 -17.38
CA CYS G 1 -9.12 -35.27 -16.01
C CYS G 1 -9.58 -34.16 -15.06
N GLY G 2 -10.22 -33.14 -15.64
CA GLY G 2 -10.67 -31.97 -14.91
C GLY G 2 -12.18 -31.83 -14.84
N ARG G 3 -12.89 -32.94 -15.07
CA ARG G 3 -14.35 -32.93 -14.98
C ARG G 3 -14.84 -34.37 -15.06
N PHE G 4 -15.91 -34.67 -14.32
CA PHE G 4 -16.51 -36.00 -14.43
C PHE G 4 -17.95 -35.96 -13.96
N ALA G 5 -18.64 -37.09 -14.12
CA ALA G 5 -20.04 -37.25 -13.75
C ALA G 5 -20.13 -38.19 -12.56
N GLN G 6 -20.91 -37.79 -11.53
CA GLN G 6 -21.19 -38.63 -10.36
C GLN G 6 -22.68 -38.44 -10.08
N SER G 7 -23.52 -39.18 -10.80
CA SER G 7 -24.95 -38.91 -10.81
C SER G 7 -25.78 -39.91 -10.04
N GLN G 8 -25.23 -41.08 -9.69
CA GLN G 8 -26.12 -42.14 -9.21
C GLN G 8 -26.19 -42.11 -7.68
N THR G 9 -26.88 -43.08 -7.11
CA THR G 9 -26.93 -43.16 -5.65
C THR G 9 -25.62 -43.74 -5.12
N ARG G 10 -25.39 -43.52 -3.82
CA ARG G 10 -24.18 -44.05 -3.21
C ARG G 10 -24.08 -45.56 -3.37
N GLU G 11 -25.18 -46.30 -3.17
CA GLU G 11 -25.07 -47.76 -3.25
C GLU G 11 -24.81 -48.25 -4.66
N ASP G 12 -25.19 -47.47 -5.68
CA ASP G 12 -24.88 -47.86 -7.06
C ASP G 12 -23.37 -47.93 -7.28
N TYR G 13 -22.61 -47.06 -6.61
CA TYR G 13 -21.17 -47.17 -6.66
C TYR G 13 -20.65 -48.17 -5.64
N LEU G 14 -21.15 -48.10 -4.42
CA LEU G 14 -20.60 -48.92 -3.34
C LEU G 14 -20.87 -50.40 -3.55
N ALA G 15 -21.94 -50.75 -4.27
CA ALA G 15 -22.30 -52.16 -4.47
C ALA G 15 -21.15 -52.96 -5.06
N LEU G 16 -20.31 -52.33 -5.86
CA LEU G 16 -19.20 -53.07 -6.46
C LEU G 16 -18.03 -53.24 -5.51
N LEU G 17 -18.02 -52.52 -4.39
CA LEU G 17 -16.86 -52.41 -3.51
C LEU G 17 -17.09 -52.86 -2.08
N ALA G 18 -18.31 -52.77 -1.57
CA ALA G 18 -18.58 -52.98 -0.16
C ALA G 18 -19.68 -54.01 0.06
N ARG G 23 -18.81 -50.67 6.06
CA ARG G 23 -19.46 -49.40 5.80
C ARG G 23 -19.89 -48.63 7.05
N ASP G 24 -19.14 -47.57 7.34
CA ASP G 24 -19.62 -46.49 8.22
C ASP G 24 -20.28 -45.40 7.39
N ILE G 25 -21.16 -45.84 6.50
CA ILE G 25 -21.83 -44.97 5.55
C ILE G 25 -23.31 -45.24 5.68
N PRO G 26 -24.10 -44.31 6.21
CA PRO G 26 -25.53 -44.57 6.39
C PRO G 26 -26.26 -44.64 5.06
N TYR G 27 -27.37 -45.39 5.06
CA TYR G 27 -28.20 -45.52 3.87
C TYR G 27 -28.76 -44.16 3.46
N ASP G 28 -28.66 -43.85 2.17
CA ASP G 28 -29.10 -42.56 1.64
C ASP G 28 -29.46 -42.78 0.17
N PRO G 29 -30.74 -42.88 -0.14
CA PRO G 29 -31.16 -43.31 -1.49
C PRO G 29 -31.24 -42.21 -2.53
N GLU G 30 -30.88 -40.98 -2.19
CA GLU G 30 -31.01 -39.87 -3.11
C GLU G 30 -29.90 -39.90 -4.15
N PRO G 31 -30.21 -39.84 -5.44
CA PRO G 31 -29.15 -39.75 -6.45
C PRO G 31 -28.29 -38.52 -6.22
N ILE G 32 -26.98 -38.68 -6.38
CA ILE G 32 -26.08 -37.54 -6.19
C ILE G 32 -26.37 -36.47 -7.25
N GLY G 33 -26.69 -36.89 -8.47
CA GLY G 33 -27.22 -36.01 -9.50
C GLY G 33 -26.24 -35.02 -10.11
N ARG G 34 -24.93 -35.18 -9.91
CA ARG G 34 -23.95 -34.22 -10.41
C ARG G 34 -23.35 -34.74 -11.71
N TYR G 35 -23.94 -34.35 -12.83
CA TYR G 35 -23.37 -34.79 -14.10
C TYR G 35 -22.15 -33.97 -14.53
N ASN G 36 -21.77 -32.93 -13.79
CA ASN G 36 -20.69 -32.03 -14.21
C ASN G 36 -19.92 -31.60 -12.96
N VAL G 37 -19.25 -32.56 -12.33
CA VAL G 37 -18.51 -32.31 -11.09
C VAL G 37 -17.27 -31.48 -11.42
N ALA G 38 -17.16 -30.32 -10.78
CA ALA G 38 -16.12 -29.35 -11.11
C ALA G 38 -15.03 -29.30 -10.06
N PRO G 39 -13.79 -29.06 -10.46
CA PRO G 39 -12.74 -28.72 -9.52
C PRO G 39 -13.16 -27.58 -8.60
N GLY G 40 -12.62 -27.59 -7.38
CA GLY G 40 -12.89 -26.52 -6.44
C GLY G 40 -14.19 -26.65 -5.70
N THR G 41 -14.92 -27.75 -5.90
CA THR G 41 -16.11 -28.06 -5.14
C THR G 41 -15.81 -29.18 -4.15
N LYS G 42 -16.71 -29.34 -3.18
CA LYS G 42 -16.66 -30.50 -2.32
C LYS G 42 -17.26 -31.69 -3.05
N VAL G 43 -16.56 -32.83 -3.01
CA VAL G 43 -16.97 -34.03 -3.73
C VAL G 43 -16.98 -35.19 -2.74
N LEU G 44 -18.00 -36.04 -2.82
CA LEU G 44 -18.03 -37.27 -2.04
C LEU G 44 -16.85 -38.14 -2.39
N LEU G 45 -16.02 -38.44 -1.39
CA LEU G 45 -14.75 -39.14 -1.56
C LEU G 45 -14.72 -40.36 -0.66
N LEU G 46 -14.36 -41.52 -1.22
CA LEU G 46 -14.31 -42.78 -0.49
C LEU G 46 -12.91 -43.03 0.06
N SER G 47 -12.84 -43.36 1.35
CA SER G 47 -11.56 -43.73 1.96
C SER G 47 -11.79 -44.72 3.09
N GLU G 48 -10.69 -45.21 3.65
CA GLU G 48 -10.76 -46.18 4.73
C GLU G 48 -10.02 -45.64 5.94
N ARG G 49 -10.68 -45.66 7.10
CA ARG G 49 -10.07 -45.33 8.37
C ARG G 49 -10.76 -46.14 9.44
N ASP G 50 -10.01 -46.52 10.48
CA ASP G 50 -10.52 -47.39 11.52
C ASP G 50 -11.06 -48.71 10.94
N GLU G 51 -10.42 -49.17 9.87
CA GLU G 51 -10.74 -50.43 9.17
C GLU G 51 -12.13 -50.39 8.51
N HIS G 52 -12.72 -49.23 8.32
CA HIS G 52 -14.03 -49.15 7.68
C HIS G 52 -14.04 -48.09 6.59
N LEU G 53 -14.88 -48.32 5.60
CA LEU G 53 -15.05 -47.36 4.52
C LEU G 53 -15.89 -46.19 5.00
N HIS G 54 -15.48 -45.00 4.59
CA HIS G 54 -16.18 -43.76 4.88
C HIS G 54 -16.36 -42.99 3.58
N LEU G 55 -17.45 -42.22 3.51
CA LEU G 55 -17.67 -41.27 2.43
C LEU G 55 -17.70 -39.88 3.06
N ASP G 56 -16.81 -39.00 2.61
CA ASP G 56 -16.68 -37.65 3.13
C ASP G 56 -16.75 -36.65 1.99
N PRO G 57 -17.42 -35.50 2.18
CA PRO G 57 -17.32 -34.42 1.19
C PRO G 57 -15.96 -33.73 1.30
N VAL G 58 -15.12 -33.83 0.27
CA VAL G 58 -13.76 -33.33 0.33
C VAL G 58 -13.53 -32.36 -0.83
N PHE G 59 -12.89 -31.23 -0.52
CA PHE G 59 -12.48 -30.26 -1.54
C PHE G 59 -11.66 -30.93 -2.65
N TRP G 60 -12.07 -30.74 -3.91
CA TRP G 60 -11.28 -31.21 -5.03
C TRP G 60 -10.25 -30.11 -5.33
N GLY G 61 -9.04 -30.31 -4.84
CA GLY G 61 -7.98 -29.32 -4.94
C GLY G 61 -7.05 -29.46 -3.76
N TYR G 62 -5.80 -29.05 -3.95
CA TYR G 62 -4.79 -29.23 -2.91
C TYR G 62 -3.85 -28.03 -2.93
N ALA G 63 -3.87 -27.26 -1.84
CA ALA G 63 -3.04 -26.06 -1.74
C ALA G 63 -2.63 -25.88 -0.29
N PRO G 64 -1.49 -26.45 0.11
CA PRO G 64 -0.97 -26.21 1.47
C PRO G 64 -0.68 -24.73 1.67
N GLY G 65 -0.56 -24.36 2.95
CA GLY G 65 -0.29 -22.97 3.27
C GLY G 65 0.90 -22.39 2.53
N TRP G 66 1.93 -23.20 2.30
CA TRP G 66 3.13 -22.72 1.63
C TRP G 66 3.01 -22.66 0.12
N TRP G 67 1.94 -23.18 -0.45
CA TRP G 67 1.75 -23.21 -1.90
C TRP G 67 1.00 -21.95 -2.32
N ASP G 68 1.68 -21.06 -3.05
CA ASP G 68 1.05 -19.81 -3.43
C ASP G 68 0.74 -19.77 -4.92
N LYS G 69 0.14 -20.84 -5.41
CA LYS G 69 -0.37 -20.96 -6.76
C LYS G 69 -1.78 -21.54 -6.65
N PRO G 70 -2.52 -21.61 -7.75
CA PRO G 70 -3.86 -22.20 -7.68
C PRO G 70 -3.80 -23.63 -7.20
N PRO G 71 -4.82 -24.07 -6.46
CA PRO G 71 -4.81 -25.45 -5.96
C PRO G 71 -4.65 -26.45 -7.09
N LEU G 72 -3.86 -27.48 -6.81
CA LEU G 72 -3.64 -28.55 -7.76
C LEU G 72 -4.81 -29.54 -7.68
N ILE G 73 -5.25 -30.05 -8.83
CA ILE G 73 -6.37 -30.97 -8.88
C ILE G 73 -5.99 -32.35 -9.37
N ASN G 74 -4.80 -32.52 -9.94
CA ASN G 74 -4.31 -33.80 -10.43
C ASN G 74 -2.90 -34.02 -9.90
N ALA G 75 -2.53 -35.29 -9.76
CA ALA G 75 -1.16 -35.68 -9.48
C ALA G 75 -0.72 -36.72 -10.49
N ARG G 76 0.41 -36.49 -11.16
CA ARG G 76 0.87 -37.41 -12.19
C ARG G 76 1.48 -38.67 -11.59
N VAL G 77 1.00 -39.84 -12.03
CA VAL G 77 1.46 -41.12 -11.49
C VAL G 77 2.95 -41.33 -11.74
N GLU G 78 3.51 -40.69 -12.77
CA GLU G 78 4.92 -40.83 -13.08
C GLU G 78 5.79 -40.33 -11.93
N THR G 79 5.29 -39.39 -11.14
CA THR G 79 6.14 -38.71 -10.16
C THR G 79 5.56 -38.60 -8.75
N ALA G 80 4.28 -38.93 -8.55
CA ALA G 80 3.60 -38.54 -7.31
C ALA G 80 4.16 -39.26 -6.08
N ALA G 81 4.57 -40.52 -6.24
CA ALA G 81 5.04 -41.28 -5.09
C ALA G 81 6.42 -40.80 -4.62
N THR G 82 7.18 -40.11 -5.46
CA THR G 82 8.50 -39.61 -5.07
C THR G 82 8.53 -38.10 -4.93
N SER G 83 7.46 -37.41 -5.33
CA SER G 83 7.38 -35.95 -5.26
C SER G 83 7.49 -35.46 -3.82
N ARG G 84 8.33 -34.43 -3.59
CA ARG G 84 8.39 -33.83 -2.26
C ARG G 84 7.02 -33.37 -1.79
N MET G 85 6.18 -32.89 -2.71
CA MET G 85 4.84 -32.43 -2.34
C MET G 85 3.90 -33.60 -2.07
N PHE G 86 3.82 -34.57 -2.96
CA PHE G 86 2.77 -35.58 -2.91
C PHE G 86 3.16 -36.88 -2.19
N LYS G 87 4.44 -37.15 -1.94
CA LYS G 87 4.80 -38.45 -1.41
C LYS G 87 4.17 -38.77 -0.05
N PRO G 88 3.94 -37.81 0.86
CA PRO G 88 3.17 -38.17 2.07
C PRO G 88 1.73 -38.54 1.76
N LEU G 89 1.14 -37.91 0.73
CA LEU G 89 -0.24 -38.24 0.39
C LEU G 89 -0.33 -39.61 -0.26
N TRP G 90 0.68 -39.97 -1.06
CA TRP G 90 0.74 -41.31 -1.63
C TRP G 90 0.83 -42.36 -0.54
N GLN G 91 1.54 -42.06 0.55
CA GLN G 91 1.71 -43.05 1.61
C GLN G 91 0.46 -43.18 2.48
N HIS G 92 -0.11 -42.05 2.89
CA HIS G 92 -1.12 -42.03 3.94
C HIS G 92 -2.45 -41.45 3.50
N GLY G 93 -2.55 -40.84 2.33
CA GLY G 93 -3.76 -40.14 1.93
C GLY G 93 -4.49 -40.73 0.74
N ARG G 94 -4.33 -42.02 0.46
CA ARG G 94 -5.00 -42.59 -0.69
C ARG G 94 -6.50 -42.69 -0.47
N ALA G 95 -7.23 -42.52 -1.55
CA ALA G 95 -8.69 -42.48 -1.53
C ALA G 95 -9.18 -42.89 -2.91
N ILE G 96 -10.50 -42.99 -3.04
CA ILE G 96 -11.12 -43.36 -4.32
C ILE G 96 -12.23 -42.36 -4.60
N CYS G 97 -12.30 -41.89 -5.83
CA CYS G 97 -13.41 -41.04 -6.28
C CYS G 97 -14.19 -41.82 -7.33
N PHE G 98 -15.43 -42.18 -7.01
CA PHE G 98 -16.22 -42.92 -7.99
C PHE G 98 -16.99 -41.98 -8.90
N ALA G 99 -17.33 -42.48 -10.08
CA ALA G 99 -17.90 -41.67 -11.13
C ALA G 99 -18.58 -42.56 -12.16
N ASP G 100 -19.45 -41.96 -12.95
CA ASP G 100 -20.04 -42.66 -14.08
C ASP G 100 -19.13 -42.71 -15.28
N GLY G 101 -18.13 -41.84 -15.29
CA GLY G 101 -17.30 -41.56 -16.46
C GLY G 101 -16.75 -40.16 -16.30
N TRP G 102 -15.90 -39.77 -17.24
CA TRP G 102 -15.30 -38.44 -17.14
C TRP G 102 -15.33 -37.76 -18.50
N PHE G 103 -15.04 -36.46 -18.50
CA PHE G 103 -15.04 -35.65 -19.71
C PHE G 103 -13.62 -35.27 -20.07
N GLU G 104 -13.35 -35.22 -21.37
CA GLU G 104 -12.12 -34.61 -21.87
C GLU G 104 -12.49 -33.71 -23.06
N TRP G 105 -11.67 -32.71 -23.30
CA TRP G 105 -11.90 -31.74 -24.38
C TRP G 105 -10.80 -31.91 -25.43
N LYS G 106 -11.19 -32.36 -26.61
CA LYS G 106 -10.27 -32.55 -27.72
C LYS G 106 -10.03 -31.22 -28.42
N LYS G 107 -8.75 -30.86 -28.59
CA LYS G 107 -8.42 -29.64 -29.31
C LYS G 107 -8.59 -29.88 -30.81
N GLU G 108 -9.49 -29.12 -31.43
CA GLU G 108 -9.79 -29.22 -32.86
C GLU G 108 -9.43 -27.88 -33.48
N GLY G 109 -8.27 -27.81 -34.13
CA GLY G 109 -7.75 -26.55 -34.58
C GLY G 109 -7.58 -25.61 -33.39
N ASP G 110 -8.52 -24.68 -33.22
CA ASP G 110 -8.50 -23.75 -32.10
C ASP G 110 -9.74 -23.87 -31.21
N LYS G 111 -10.65 -24.79 -31.50
CA LYS G 111 -11.82 -25.05 -30.68
C LYS G 111 -11.61 -26.32 -29.86
N LYS G 112 -12.46 -26.52 -28.86
CA LYS G 112 -12.39 -27.70 -28.01
C LYS G 112 -13.72 -28.44 -28.08
N GLN G 113 -13.66 -29.74 -28.37
CA GLN G 113 -14.85 -30.59 -28.43
C GLN G 113 -14.88 -31.51 -27.22
N PRO G 114 -15.89 -31.43 -26.36
CA PRO G 114 -15.95 -32.34 -25.20
C PRO G 114 -16.42 -33.73 -25.61
N PHE G 115 -15.83 -34.74 -24.95
CA PHE G 115 -16.18 -36.13 -25.07
C PHE G 115 -16.49 -36.70 -23.70
N PHE G 116 -17.45 -37.61 -23.61
CA PHE G 116 -17.70 -38.34 -22.38
C PHE G 116 -17.13 -39.75 -22.54
N ILE G 117 -16.40 -40.22 -21.53
CA ILE G 117 -15.67 -41.49 -21.56
C ILE G 117 -16.17 -42.35 -20.41
N TYR G 118 -16.52 -43.60 -20.70
CA TYR G 118 -17.22 -44.45 -19.75
C TYR G 118 -16.91 -45.91 -20.06
N ARG G 119 -17.21 -46.79 -19.11
CA ARG G 119 -16.93 -48.21 -19.31
C ARG G 119 -17.92 -48.80 -20.30
N ALA G 120 -17.40 -49.57 -21.27
CA ALA G 120 -18.28 -50.24 -22.23
C ALA G 120 -19.24 -51.22 -21.54
N ASP G 121 -18.88 -51.77 -20.39
CA ASP G 121 -19.76 -52.75 -19.73
C ASP G 121 -20.81 -52.10 -18.83
N GLY G 122 -20.93 -50.77 -18.86
CA GLY G 122 -21.95 -50.07 -18.10
C GLY G 122 -21.65 -49.88 -16.62
N GLN G 123 -20.51 -50.34 -16.14
CA GLN G 123 -20.19 -50.20 -14.73
C GLN G 123 -19.62 -48.81 -14.46
N PRO G 124 -19.78 -48.30 -13.24
CA PRO G 124 -19.09 -47.07 -12.87
C PRO G 124 -17.59 -47.28 -12.77
N ILE G 125 -16.87 -46.18 -12.68
CA ILE G 125 -15.41 -46.20 -12.56
C ILE G 125 -15.00 -45.78 -11.16
N PHE G 126 -13.82 -46.26 -10.76
CA PHE G 126 -13.19 -45.91 -9.49
C PHE G 126 -11.86 -45.25 -9.81
N MET G 127 -11.79 -43.93 -9.65
CA MET G 127 -10.56 -43.19 -9.96
C MET G 127 -9.67 -43.13 -8.72
N ALA G 128 -8.38 -43.42 -8.90
CA ALA G 128 -7.44 -43.31 -7.79
C ALA G 128 -7.24 -41.84 -7.41
N ALA G 129 -7.31 -41.56 -6.11
CA ALA G 129 -7.11 -40.23 -5.57
C ALA G 129 -6.07 -40.29 -4.46
N ILE G 130 -5.44 -39.14 -4.19
CA ILE G 130 -4.61 -38.96 -3.00
C ILE G 130 -4.99 -37.62 -2.39
N GLY G 131 -4.81 -37.50 -1.09
CA GLY G 131 -5.20 -36.24 -0.49
C GLY G 131 -4.76 -36.12 0.95
N SER G 132 -5.26 -35.05 1.58
CA SER G 132 -4.80 -34.64 2.91
C SER G 132 -5.71 -35.21 3.99
N THR G 133 -5.21 -36.22 4.73
CA THR G 133 -5.95 -36.74 5.88
C THR G 133 -5.73 -35.85 7.09
N PRO G 134 -6.71 -35.78 8.02
CA PRO G 134 -8.01 -36.46 7.98
C PRO G 134 -9.01 -35.82 7.01
N PHE G 135 -9.59 -36.64 6.13
CA PHE G 135 -10.53 -36.13 5.14
C PHE G 135 -11.77 -35.52 5.77
N GLU G 136 -12.22 -36.06 6.91
CA GLU G 136 -13.48 -35.62 7.49
C GLU G 136 -13.45 -34.18 8.01
N ARG G 137 -12.27 -33.54 8.10
CA ARG G 137 -12.21 -32.23 8.73
C ARG G 137 -12.78 -31.12 7.85
N GLY G 138 -13.08 -31.40 6.58
CA GLY G 138 -13.68 -30.40 5.72
C GLY G 138 -12.77 -29.24 5.37
N ASP G 139 -11.50 -29.52 5.10
CA ASP G 139 -10.55 -28.45 4.83
C ASP G 139 -10.95 -27.70 3.56
N GLU G 140 -10.80 -26.37 3.58
CA GLU G 140 -11.18 -25.56 2.44
C GLU G 140 -10.10 -25.47 1.37
N ALA G 141 -8.87 -25.89 1.68
CA ALA G 141 -7.77 -25.72 0.74
C ALA G 141 -6.99 -27.00 0.48
N GLU G 142 -6.87 -27.88 1.48
CA GLU G 142 -6.09 -29.11 1.34
C GLU G 142 -7.06 -30.28 1.26
N GLY G 143 -7.46 -30.61 0.03
CA GLY G 143 -8.42 -31.68 -0.21
C GLY G 143 -7.81 -32.88 -0.89
N PHE G 144 -8.35 -33.28 -2.05
CA PHE G 144 -7.78 -34.41 -2.78
C PHE G 144 -7.47 -34.01 -4.22
N LEU G 145 -6.70 -34.88 -4.86
CA LEU G 145 -6.34 -34.82 -6.27
C LEU G 145 -6.66 -36.15 -6.92
N ILE G 146 -7.04 -36.09 -8.19
CA ILE G 146 -7.21 -37.29 -8.99
C ILE G 146 -5.88 -37.65 -9.64
N VAL G 147 -5.42 -38.89 -9.44
CA VAL G 147 -4.16 -39.33 -10.04
C VAL G 147 -4.34 -39.50 -11.54
N THR G 148 -3.36 -39.08 -12.32
CA THR G 148 -3.44 -39.19 -13.77
C THR G 148 -2.32 -40.07 -14.30
N ALA G 149 -2.53 -40.56 -15.51
CA ALA G 149 -1.56 -41.40 -16.22
C ALA G 149 -1.51 -40.94 -17.67
N ALA G 150 -0.47 -41.39 -18.37
CA ALA G 150 -0.38 -41.14 -19.79
C ALA G 150 -1.52 -41.83 -20.51
N ALA G 151 -2.18 -41.11 -21.41
CA ALA G 151 -3.25 -41.71 -22.20
C ALA G 151 -2.71 -42.86 -23.04
N ASP G 152 -3.43 -43.99 -23.01
CA ASP G 152 -3.06 -45.18 -23.77
C ASP G 152 -4.00 -45.36 -24.94
N GLN G 153 -3.55 -46.15 -25.91
CA GLN G 153 -4.39 -46.64 -27.00
C GLN G 153 -5.16 -45.52 -27.68
N GLY G 154 -6.49 -45.61 -27.71
CA GLY G 154 -7.27 -44.62 -28.44
C GLY G 154 -7.53 -43.32 -27.71
N LEU G 155 -7.30 -43.30 -26.40
CA LEU G 155 -7.53 -42.08 -25.63
C LEU G 155 -6.55 -40.98 -26.00
N VAL G 156 -5.36 -41.31 -26.52
CA VAL G 156 -4.38 -40.28 -26.78
C VAL G 156 -4.81 -39.33 -27.89
N ASP G 157 -5.76 -39.75 -28.74
CA ASP G 157 -6.27 -38.83 -29.75
C ASP G 157 -7.20 -37.77 -29.16
N ILE G 158 -7.74 -38.01 -27.97
CA ILE G 158 -8.54 -37.00 -27.29
C ILE G 158 -7.69 -36.08 -26.43
N HIS G 159 -6.76 -36.63 -25.66
CA HIS G 159 -5.95 -35.87 -24.72
C HIS G 159 -4.75 -36.73 -24.32
N ASP G 160 -3.63 -36.06 -24.00
CA ASP G 160 -2.41 -36.77 -23.65
C ASP G 160 -2.47 -37.41 -22.27
N ARG G 161 -3.44 -37.03 -21.44
CA ARG G 161 -3.56 -37.53 -20.08
C ARG G 161 -4.90 -38.21 -19.88
N ARG G 162 -4.97 -39.06 -18.85
CA ARG G 162 -6.22 -39.73 -18.46
C ARG G 162 -6.20 -39.93 -16.96
N PRO G 163 -7.37 -40.10 -16.34
CA PRO G 163 -7.38 -40.53 -14.92
C PRO G 163 -6.87 -41.95 -14.77
N LEU G 164 -6.17 -42.20 -13.67
CA LEU G 164 -5.82 -43.56 -13.28
C LEU G 164 -7.08 -44.22 -12.75
N VAL G 165 -7.65 -45.15 -13.52
CA VAL G 165 -8.86 -45.86 -13.13
C VAL G 165 -8.47 -47.25 -12.67
N LEU G 166 -9.04 -47.70 -11.55
CA LEU G 166 -8.74 -49.02 -10.99
C LEU G 166 -9.98 -49.91 -11.04
N SER G 167 -9.76 -51.22 -11.15
CA SER G 167 -10.88 -52.14 -11.01
C SER G 167 -11.46 -52.02 -9.61
N PRO G 168 -12.69 -52.49 -9.39
CA PRO G 168 -13.21 -52.49 -8.01
C PRO G 168 -12.29 -53.19 -7.04
N GLU G 169 -11.74 -54.33 -7.44
CA GLU G 169 -10.83 -55.06 -6.56
C GLU G 169 -9.60 -54.22 -6.24
N ALA G 170 -8.97 -53.64 -7.28
CA ALA G 170 -7.77 -52.83 -7.06
C ALA G 170 -8.09 -51.57 -6.26
N ALA G 171 -9.27 -50.99 -6.49
CA ALA G 171 -9.66 -49.79 -5.74
C ALA G 171 -9.77 -50.08 -4.25
N ARG G 172 -10.38 -51.21 -3.88
CA ARG G 172 -10.48 -51.54 -2.46
C ARG G 172 -9.10 -51.74 -1.83
N GLU G 173 -8.17 -52.38 -2.57
CA GLU G 173 -6.82 -52.56 -2.04
C GLU G 173 -6.09 -51.22 -1.93
N TRP G 174 -6.26 -50.35 -2.93
CA TRP G 174 -5.66 -49.02 -2.92
C TRP G 174 -5.99 -48.26 -1.63
N MET G 175 -7.23 -48.38 -1.14
CA MET G 175 -7.66 -47.60 0.01
C MET G 175 -7.11 -48.12 1.33
N ARG G 176 -6.66 -49.38 1.37
CA ARG G 176 -6.35 -50.02 2.63
C ARG G 176 -5.20 -49.33 3.34
N GLN G 177 -5.39 -49.03 4.63
CA GLN G 177 -4.33 -48.38 5.38
C GLN G 177 -3.15 -49.30 5.59
N GLU G 178 -3.38 -50.62 5.63
CA GLU G 178 -2.30 -51.59 5.75
C GLU G 178 -1.44 -51.67 4.50
N ILE G 179 -1.97 -51.25 3.35
CA ILE G 179 -1.19 -51.28 2.12
C ILE G 179 -0.18 -50.14 2.14
N SER G 180 1.08 -50.45 1.85
CA SER G 180 2.13 -49.44 1.88
C SER G 180 2.15 -48.63 0.58
N GLY G 181 2.86 -47.49 0.64
CA GLY G 181 3.05 -46.71 -0.57
C GLY G 181 3.72 -47.50 -1.69
N LYS G 182 4.68 -48.34 -1.34
CA LYS G 182 5.33 -49.17 -2.35
C LYS G 182 4.33 -50.16 -2.95
N GLU G 183 3.53 -50.82 -2.10
CA GLU G 183 2.50 -51.72 -2.61
C GLU G 183 1.49 -50.96 -3.44
N ALA G 184 1.15 -49.72 -3.03
CA ALA G 184 0.24 -48.90 -3.81
C ALA G 184 0.81 -48.58 -5.19
N SER G 185 2.13 -48.36 -5.27
CA SER G 185 2.73 -48.09 -6.57
C SER G 185 2.58 -49.30 -7.50
N GLU G 186 2.63 -50.52 -6.95
CA GLU G 186 2.45 -51.71 -7.75
C GLU G 186 1.01 -51.84 -8.24
N ILE G 187 0.05 -51.52 -7.39
CA ILE G 187 -1.35 -51.48 -7.81
C ILE G 187 -1.54 -50.50 -8.96
N ALA G 188 -0.99 -49.29 -8.81
CA ALA G 188 -1.12 -48.30 -9.88
C ALA G 188 -0.41 -48.76 -11.15
N ALA G 189 0.73 -49.42 -11.01
CA ALA G 189 1.53 -49.78 -12.19
C ALA G 189 0.85 -50.84 -13.04
N SER G 190 0.11 -51.74 -12.41
CA SER G 190 -0.47 -52.88 -13.12
C SER G 190 -2.00 -52.86 -13.16
N GLY G 191 -2.64 -52.00 -12.38
CA GLY G 191 -4.09 -52.00 -12.27
C GLY G 191 -4.81 -50.91 -13.03
N CYS G 192 -4.11 -50.09 -13.81
CA CYS G 192 -4.81 -49.08 -14.58
C CYS G 192 -5.67 -49.76 -15.66
N VAL G 193 -6.98 -49.54 -15.60
CA VAL G 193 -7.90 -50.14 -16.57
C VAL G 193 -7.58 -49.63 -17.96
N PRO G 194 -7.29 -50.52 -18.92
CA PRO G 194 -6.86 -50.06 -20.25
C PRO G 194 -7.97 -49.39 -21.03
N ALA G 195 -7.55 -48.53 -21.97
CA ALA G 195 -8.50 -47.76 -22.77
C ALA G 195 -9.51 -48.65 -23.49
N ASN G 196 -9.11 -49.89 -23.86
CA ASN G 196 -10.01 -50.73 -24.64
C ASN G 196 -11.26 -51.14 -23.88
N GLN G 197 -11.29 -50.95 -22.56
CA GLN G 197 -12.49 -51.20 -21.77
C GLN G 197 -13.44 -50.01 -21.73
N PHE G 198 -13.07 -48.88 -22.31
CA PHE G 198 -13.94 -47.72 -22.34
C PHE G 198 -14.46 -47.47 -23.75
N SER G 199 -15.57 -46.76 -23.81
CA SER G 199 -16.05 -46.16 -25.05
C SER G 199 -16.22 -44.67 -24.82
N TRP G 200 -16.37 -43.93 -25.90
CA TRP G 200 -16.53 -42.48 -25.74
C TRP G 200 -17.24 -41.91 -26.95
N HIS G 201 -17.74 -40.69 -26.80
CA HIS G 201 -18.48 -40.02 -27.86
C HIS G 201 -18.51 -38.53 -27.58
N PRO G 202 -18.69 -37.71 -28.62
CA PRO G 202 -18.94 -36.28 -28.40
C PRO G 202 -20.18 -36.05 -27.56
N VAL G 203 -20.13 -35.01 -26.72
CA VAL G 203 -21.29 -34.52 -26.00
C VAL G 203 -21.48 -33.04 -26.31
N SER G 204 -22.60 -32.50 -25.85
CA SER G 204 -22.91 -31.10 -26.04
C SER G 204 -21.83 -30.20 -25.44
N ARG G 205 -21.61 -29.04 -26.07
CA ARG G 205 -20.64 -28.12 -25.50
C ARG G 205 -21.13 -27.49 -24.20
N ALA G 206 -22.41 -27.68 -23.84
CA ALA G 206 -22.96 -27.11 -22.61
C ALA G 206 -22.23 -27.58 -21.37
N VAL G 207 -21.59 -28.76 -21.41
CA VAL G 207 -20.88 -29.26 -20.24
C VAL G 207 -19.69 -28.37 -19.86
N GLY G 208 -19.17 -27.58 -20.79
CA GLY G 208 -18.06 -26.70 -20.44
C GLY G 208 -18.39 -25.79 -19.26
N ASN G 209 -19.60 -25.27 -19.24
CA ASN G 209 -20.03 -24.33 -18.21
C ASN G 209 -20.46 -25.11 -16.97
N VAL G 210 -19.73 -24.90 -15.87
CA VAL G 210 -19.96 -25.66 -14.64
C VAL G 210 -21.33 -25.39 -13.99
N LYS G 211 -22.07 -24.38 -14.46
CA LYS G 211 -23.43 -24.18 -13.94
C LYS G 211 -24.42 -25.21 -14.46
N ASN G 212 -24.07 -25.93 -15.53
CA ASN G 212 -24.97 -26.92 -16.11
C ASN G 212 -24.71 -28.28 -15.46
N GLN G 213 -25.78 -28.95 -15.04
CA GLN G 213 -25.63 -30.20 -14.31
C GLN G 213 -26.59 -31.30 -14.77
N GLY G 214 -27.31 -31.10 -15.87
CA GLY G 214 -28.37 -32.04 -16.25
C GLY G 214 -27.85 -33.34 -16.83
N ALA G 215 -28.71 -34.37 -16.75
CA ALA G 215 -28.38 -35.70 -17.24
C ALA G 215 -28.07 -35.71 -18.73
N GLU G 216 -28.60 -34.75 -19.49
CA GLU G 216 -28.33 -34.74 -20.91
C GLU G 216 -26.87 -34.41 -21.22
N LEU G 217 -26.10 -33.92 -20.25
CA LEU G 217 -24.73 -33.56 -20.55
C LEU G 217 -23.85 -34.76 -20.92
N ILE G 218 -24.25 -35.99 -20.56
CA ILE G 218 -23.45 -37.15 -20.95
C ILE G 218 -23.98 -37.85 -22.20
N GLN G 219 -25.06 -37.35 -22.80
CA GLN G 219 -25.62 -38.10 -23.93
C GLN G 219 -24.90 -37.75 -25.23
N PRO G 220 -24.79 -38.70 -26.16
CA PRO G 220 -24.04 -38.44 -27.40
C PRO G 220 -24.75 -37.45 -28.31
N VAL G 221 -23.94 -36.65 -29.01
CA VAL G 221 -24.44 -35.70 -29.99
C VAL G 221 -23.61 -35.82 -31.26
N LEU G 222 -24.22 -35.42 -32.38
CA LEU G 222 -23.51 -35.45 -33.65
C LEU G 222 -22.51 -34.31 -33.76
N GLU G 223 -21.34 -34.62 -34.32
CA GLU G 223 -20.38 -33.69 -34.91
C GLU G 223 -19.39 -33.17 -33.88
N VAL G 224 -18.23 -33.81 -33.80
CA VAL G 224 -17.14 -33.31 -32.97
C VAL G 224 -16.61 -32.01 -33.57
#